data_4WDW
#
_entry.id   4WDW
#
_cell.length_a   55.129
_cell.length_b   57.917
_cell.length_c   60.333
_cell.angle_alpha   81.03
_cell.angle_beta   69.72
_cell.angle_gamma   79.11
#
_symmetry.space_group_name_H-M   'P 1'
#
loop_
_entity.id
_entity.type
_entity.pdbx_description
1 polymer 'Aldo-keto reductase family 1 member C3'
2 non-polymer 'NADP NICOTINAMIDE-ADENINE-DINUCLEOTIDE PHOSPHATE'
3 non-polymer 3,6-dihydropyridin-1(2H)-yl(5-methyl-1H-indol-2-yl)methanone
4 water water
#
_entity_poly.entity_id   1
_entity_poly.type   'polypeptide(L)'
_entity_poly.pdbx_seq_one_letter_code
;MDSKQQCVKLNDGHFMPVLGFGTYAPPEVPRSKALEVTKLAIEAGFRHIDSAHLYNNEEQVGLAIRSKIADGSVKREDIF
YTSKLWSTFHRPELVRPALENSLKKAQLDYVDLYLIHSPMSLKPGEELSPTDENGKVIFDIVDLCTTWEAMEKCKDAGLA
KSIGVSNFNRRQLEMILNKPGLKYKPVCNQVECHPYFNRSKLLDFCKSKDIVLVAYSALGSQRDKRWVDPNSPVLLEDPV
LCALAKKHKRTPALIALRYQLQRGVVVLAKSYNEQRIRQNVQVFEFQLTAEDMKAIDGLDRNLHYFNSDSFASHPNYPYS
DEYLEHHHHHH
;
_entity_poly.pdbx_strand_id   A,B
#
loop_
_chem_comp.id
_chem_comp.type
_chem_comp.name
_chem_comp.formula
NAP non-polymer 'NADP NICOTINAMIDE-ADENINE-DINUCLEOTIDE PHOSPHATE' 'C21 H28 N7 O17 P3'
WDW non-polymer 3,6-dihydropyridin-1(2H)-yl(5-methyl-1H-indol-2-yl)methanone 'C15 H16 N2 O'
#
# COMPACT_ATOMS: atom_id res chain seq x y z
N GLN A 6 -15.49 7.39 0.68
CA GLN A 6 -16.71 6.48 0.43
C GLN A 6 -17.23 5.82 1.75
N CYS A 7 -17.97 6.61 2.48
CA CYS A 7 -18.26 6.27 3.85
C CYS A 7 -19.70 6.55 4.17
N VAL A 8 -20.17 5.97 5.27
CA VAL A 8 -21.46 6.32 5.81
C VAL A 8 -21.25 6.95 7.19
N LYS A 9 -22.09 7.94 7.50
CA LYS A 9 -21.96 8.57 8.77
C LYS A 9 -22.71 7.76 9.80
N LEU A 10 -22.07 7.51 10.94
CA LEU A 10 -22.61 6.64 11.98
C LEU A 10 -23.41 7.53 12.97
N ASN A 11 -24.27 6.92 13.80
CA ASN A 11 -25.23 7.74 14.57
C ASN A 11 -24.49 8.46 15.71
N ASP A 12 -23.18 8.14 15.89
CA ASP A 12 -22.39 8.88 16.89
C ASP A 12 -21.52 9.91 16.17
N GLY A 13 -21.79 10.18 14.92
CA GLY A 13 -20.99 11.17 14.19
C GLY A 13 -19.67 10.70 13.60
N HIS A 14 -19.23 9.47 13.87
CA HIS A 14 -18.03 8.90 13.19
C HIS A 14 -18.32 8.39 11.76
N PHE A 15 -17.31 8.22 10.90
CA PHE A 15 -17.55 7.64 9.57
C PHE A 15 -16.98 6.22 9.39
N MET A 16 -17.80 5.32 8.85
CA MET A 16 -17.41 3.97 8.45
C MET A 16 -17.31 3.82 6.92
N PRO A 17 -16.15 3.33 6.40
CA PRO A 17 -16.06 3.12 4.95
C PRO A 17 -17.01 1.95 4.58
N VAL A 18 -17.71 2.07 3.46
CA VAL A 18 -18.80 1.09 3.11
C VAL A 18 -18.36 -0.22 2.55
N LEU A 19 -17.10 -0.33 2.16
CA LEU A 19 -16.53 -1.62 1.84
C LEU A 19 -15.45 -1.94 2.87
N GLY A 20 -15.51 -3.13 3.47
CA GLY A 20 -14.49 -3.56 4.38
C GLY A 20 -13.91 -4.95 4.11
N PHE A 21 -12.73 -5.17 4.63
CA PHE A 21 -11.99 -6.38 4.31
C PHE A 21 -12.21 -7.41 5.41
N GLY A 22 -12.72 -8.62 5.12
CA GLY A 22 -12.90 -9.63 6.17
C GLY A 22 -11.56 -10.36 6.38
N THR A 23 -11.12 -10.58 7.63
CA THR A 23 -9.76 -11.10 7.91
C THR A 23 -9.75 -12.55 8.43
N TYR A 24 -10.92 -13.08 8.76
CA TYR A 24 -10.91 -14.47 9.25
C TYR A 24 -10.43 -15.49 8.18
N ALA A 25 -9.49 -16.37 8.57
CA ALA A 25 -9.15 -17.57 7.81
C ALA A 25 -9.17 -18.75 8.77
N PRO A 26 -9.60 -19.91 8.26
CA PRO A 26 -9.64 -21.10 9.13
C PRO A 26 -8.23 -21.44 9.70
N PRO A 27 -8.17 -22.23 10.79
CA PRO A 27 -6.80 -22.51 11.36
C PRO A 27 -5.77 -23.31 10.45
N GLU A 28 -6.22 -23.97 9.37
CA GLU A 28 -5.31 -24.57 8.37
C GLU A 28 -4.40 -23.54 7.69
N VAL A 29 -4.87 -22.28 7.65
CA VAL A 29 -4.10 -21.18 7.08
C VAL A 29 -3.07 -20.69 8.08
N PRO A 30 -1.79 -20.72 7.68
CA PRO A 30 -0.81 -20.23 8.66
C PRO A 30 -1.00 -18.73 9.01
N ARG A 31 -0.75 -18.37 10.27
CA ARG A 31 -0.97 -17.01 10.78
C ARG A 31 -0.36 -15.89 9.96
N SER A 32 0.83 -16.11 9.41
CA SER A 32 1.55 -15.09 8.69
C SER A 32 0.78 -14.63 7.46
N LYS A 33 -0.13 -15.46 7.01
CA LYS A 33 -0.81 -15.16 5.80
C LYS A 33 -1.66 -13.89 5.97
N ALA A 34 -2.25 -13.71 7.16
CA ALA A 34 -3.06 -12.56 7.51
C ALA A 34 -2.27 -11.25 7.47
N LEU A 35 -1.00 -11.30 7.92
CA LEU A 35 -0.09 -10.17 7.66
C LEU A 35 -0.03 -9.83 6.15
N GLU A 36 0.27 -10.83 5.33
CA GLU A 36 0.52 -10.55 3.94
C GLU A 36 -0.75 -10.07 3.24
N VAL A 37 -1.87 -10.74 3.51
CA VAL A 37 -3.09 -10.37 2.77
C VAL A 37 -3.64 -9.01 3.24
N THR A 38 -3.57 -8.72 4.54
CA THR A 38 -3.91 -7.40 5.05
C THR A 38 -3.11 -6.23 4.39
N LYS A 39 -1.80 -6.40 4.24
CA LYS A 39 -1.02 -5.45 3.48
C LYS A 39 -1.58 -5.32 2.11
N LEU A 40 -1.95 -6.43 1.46
CA LEU A 40 -2.38 -6.32 0.04
C LEU A 40 -3.73 -5.58 0.02
N ALA A 41 -4.54 -5.83 1.05
CA ALA A 41 -5.86 -5.28 1.09
C ALA A 41 -5.71 -3.79 1.14
N ILE A 42 -4.79 -3.34 1.99
CA ILE A 42 -4.60 -1.84 2.17
C ILE A 42 -4.00 -1.22 0.90
N GLU A 43 -3.00 -1.90 0.32
CA GLU A 43 -2.52 -1.54 -1.05
C GLU A 43 -3.61 -1.39 -2.12
N ALA A 44 -4.53 -2.34 -2.23
CA ALA A 44 -5.71 -2.23 -3.20
C ALA A 44 -6.74 -1.13 -2.90
N GLY A 45 -6.77 -0.61 -1.68
CA GLY A 45 -7.63 0.53 -1.40
C GLY A 45 -8.57 0.27 -0.22
N PHE A 46 -8.56 -0.93 0.39
CA PHE A 46 -9.42 -1.19 1.57
C PHE A 46 -8.92 -0.35 2.71
N ARG A 47 -9.83 0.24 3.48
CA ARG A 47 -9.47 1.07 4.60
C ARG A 47 -10.17 0.55 5.88
N HIS A 48 -11.32 -0.10 5.71
CA HIS A 48 -12.07 -0.70 6.82
C HIS A 48 -11.62 -2.19 6.93
N ILE A 49 -11.21 -2.65 8.14
CA ILE A 49 -10.61 -3.95 8.29
C ILE A 49 -11.32 -4.52 9.49
N ASP A 50 -11.96 -5.68 9.28
CA ASP A 50 -12.72 -6.42 10.31
C ASP A 50 -11.97 -7.61 10.92
N SER A 51 -11.74 -7.54 12.23
CA SER A 51 -11.13 -8.66 12.93
C SER A 51 -11.93 -8.90 14.28
N ALA A 52 -11.36 -9.61 15.24
CA ALA A 52 -12.08 -10.10 16.47
C ALA A 52 -11.04 -10.93 17.34
N HIS A 53 -11.26 -10.93 18.65
CA HIS A 53 -10.45 -11.74 19.59
C HIS A 53 -10.54 -13.15 19.05
N LEU A 54 -11.71 -13.58 18.62
CA LEU A 54 -11.93 -14.99 18.21
C LEU A 54 -11.02 -15.50 17.10
N TYR A 55 -10.65 -14.61 16.18
CA TYR A 55 -10.03 -15.00 14.91
C TYR A 55 -8.57 -15.35 15.13
N ASN A 56 -8.02 -15.04 16.30
CA ASN A 56 -6.61 -15.37 16.63
C ASN A 56 -5.71 -14.74 15.50
N ASN A 57 -6.00 -13.51 15.06
CA ASN A 57 -5.13 -12.92 14.07
C ASN A 57 -4.78 -11.47 14.37
N GLU A 58 -5.27 -10.92 15.50
CA GLU A 58 -5.09 -9.46 15.79
C GLU A 58 -3.63 -8.97 15.81
N GLU A 59 -2.73 -9.79 16.32
CA GLU A 59 -1.28 -9.49 16.16
C GLU A 59 -0.84 -9.29 14.70
N GLN A 60 -1.15 -10.22 13.82
CA GLN A 60 -0.75 -10.12 12.42
C GLN A 60 -1.51 -9.00 11.72
N VAL A 61 -2.79 -8.85 12.02
CA VAL A 61 -3.55 -7.79 11.36
C VAL A 61 -3.04 -6.42 11.80
N GLY A 62 -2.76 -6.26 13.10
CA GLY A 62 -2.25 -5.00 13.60
C GLY A 62 -0.90 -4.74 12.97
N LEU A 63 -0.06 -5.78 12.83
CA LEU A 63 1.31 -5.53 12.21
C LEU A 63 1.14 -4.96 10.81
N ALA A 64 0.23 -5.57 10.01
CA ALA A 64 0.02 -5.10 8.61
C ALA A 64 -0.39 -3.66 8.64
N ILE A 65 -1.27 -3.30 9.58
CA ILE A 65 -1.73 -1.88 9.72
C ILE A 65 -0.57 -0.96 10.14
N ARG A 66 0.16 -1.38 11.14
CA ARG A 66 1.20 -0.55 11.63
C ARG A 66 2.31 -0.43 10.51
N SER A 67 2.51 -1.48 9.72
CA SER A 67 3.58 -1.48 8.66
C SER A 67 3.27 -0.40 7.59
N LYS A 68 2.00 -0.32 7.23
CA LYS A 68 1.51 0.63 6.24
C LYS A 68 1.38 2.06 6.76
N ILE A 69 1.19 2.20 8.07
CA ILE A 69 1.26 3.51 8.70
C ILE A 69 2.71 4.01 8.74
N ALA A 70 3.61 3.08 9.08
CA ALA A 70 4.99 3.46 9.36
C ALA A 70 5.72 3.86 8.06
N ASP A 71 5.34 3.21 6.98
CA ASP A 71 5.96 3.58 5.68
C ASP A 71 5.19 4.65 4.94
N GLY A 72 4.19 5.22 5.58
CA GLY A 72 3.41 6.28 4.90
C GLY A 72 2.39 5.84 3.88
N SER A 73 2.07 4.55 3.77
CA SER A 73 1.06 4.15 2.79
C SER A 73 -0.35 4.67 3.20
N VAL A 74 -0.63 4.69 4.52
CA VAL A 74 -1.89 5.31 5.11
C VAL A 74 -1.65 6.01 6.46
N LYS A 75 -2.53 6.93 6.83
CA LYS A 75 -2.55 7.48 8.15
C LYS A 75 -3.39 6.60 9.03
N ARG A 76 -3.06 6.56 10.33
CA ARG A 76 -3.93 5.82 11.27
C ARG A 76 -5.38 6.33 11.18
N GLU A 77 -5.55 7.64 11.07
CA GLU A 77 -6.93 8.18 10.99
C GLU A 77 -7.66 7.72 9.71
N ASP A 78 -6.96 7.18 8.70
CA ASP A 78 -7.69 6.72 7.49
C ASP A 78 -8.08 5.24 7.46
N ILE A 79 -7.68 4.53 8.51
CA ILE A 79 -8.00 3.11 8.73
C ILE A 79 -9.18 3.03 9.69
N PHE A 80 -10.14 2.15 9.40
CA PHE A 80 -11.22 1.89 10.33
C PHE A 80 -11.01 0.43 10.77
N TYR A 81 -10.51 0.23 11.97
CA TYR A 81 -10.20 -1.11 12.40
C TYR A 81 -11.31 -1.54 13.40
N THR A 82 -11.93 -2.70 13.17
CA THR A 82 -12.95 -3.23 14.05
C THR A 82 -12.40 -4.45 14.80
N SER A 83 -12.64 -4.50 16.11
CA SER A 83 -12.46 -5.78 16.76
C SER A 83 -13.72 -6.09 17.54
N LYS A 84 -13.75 -7.28 18.16
CA LYS A 84 -15.01 -7.71 18.82
C LYS A 84 -14.76 -8.47 20.12
N LEU A 85 -15.73 -8.31 21.02
CA LEU A 85 -15.76 -8.85 22.38
C LEU A 85 -16.25 -10.29 22.34
N TRP A 86 -15.42 -11.25 22.78
CA TRP A 86 -15.82 -12.63 22.64
C TRP A 86 -16.77 -12.95 23.78
N SER A 87 -17.54 -14.02 23.62
CA SER A 87 -18.72 -14.26 24.48
C SER A 87 -18.37 -14.70 25.94
N THR A 88 -17.09 -15.06 26.22
CA THR A 88 -16.61 -15.45 27.58
C THR A 88 -16.25 -14.16 28.34
N PHE A 89 -16.43 -13.02 27.68
CA PHE A 89 -16.11 -11.76 28.35
C PHE A 89 -17.33 -10.80 28.51
N HIS A 90 -18.54 -11.34 28.45
CA HIS A 90 -19.76 -10.55 28.61
C HIS A 90 -19.99 -9.91 30.02
N ARG A 91 -19.49 -10.56 31.08
CA ARG A 91 -19.45 -9.95 32.42
C ARG A 91 -18.79 -8.58 32.39
N PRO A 92 -19.46 -7.56 32.97
CA PRO A 92 -19.07 -6.15 32.70
C PRO A 92 -17.64 -5.80 33.09
N GLU A 93 -17.15 -6.43 34.15
CA GLU A 93 -15.85 -6.11 34.68
C GLU A 93 -14.73 -6.67 33.79
N LEU A 94 -15.08 -7.57 32.86
CA LEU A 94 -14.13 -8.17 31.89
C LEU A 94 -14.07 -7.41 30.53
N VAL A 95 -15.04 -6.53 30.30
CA VAL A 95 -15.23 -5.97 28.93
C VAL A 95 -14.05 -5.07 28.56
N ARG A 96 -13.74 -4.09 29.41
CA ARG A 96 -12.58 -3.23 29.18
C ARG A 96 -11.21 -3.96 29.16
N PRO A 97 -10.99 -4.93 30.07
CA PRO A 97 -9.77 -5.73 29.93
C PRO A 97 -9.72 -6.55 28.62
N ALA A 98 -10.85 -7.08 28.12
CA ALA A 98 -10.81 -7.84 26.85
C ALA A 98 -10.42 -6.89 25.70
N LEU A 99 -10.91 -5.65 25.75
CA LEU A 99 -10.57 -4.65 24.72
C LEU A 99 -9.10 -4.31 24.85
N GLU A 100 -8.64 -4.20 26.07
CA GLU A 100 -7.25 -3.79 26.26
C GLU A 100 -6.28 -4.84 25.77
N ASN A 101 -6.65 -6.11 25.90
CA ASN A 101 -5.89 -7.26 25.42
C ASN A 101 -5.79 -7.24 23.87
N SER A 102 -6.92 -6.98 23.19
CA SER A 102 -6.91 -6.87 21.72
C SER A 102 -6.02 -5.70 21.27
N LEU A 103 -6.09 -4.56 22.00
CA LEU A 103 -5.20 -3.42 21.77
C LEU A 103 -3.69 -3.78 21.97
N LYS A 104 -3.36 -4.57 23.00
CA LYS A 104 -1.97 -5.04 23.23
C LYS A 104 -1.48 -5.91 22.11
N LYS A 105 -2.32 -6.82 21.65
CA LYS A 105 -1.98 -7.73 20.60
C LYS A 105 -1.75 -6.99 19.27
N ALA A 106 -2.75 -6.19 18.86
CA ALA A 106 -2.63 -5.42 17.65
C ALA A 106 -1.57 -4.32 17.78
N GLN A 107 -1.18 -3.98 19.00
CA GLN A 107 -0.38 -2.76 19.30
C GLN A 107 -0.96 -1.51 18.68
N LEU A 108 -2.27 -1.37 18.77
CA LEU A 108 -2.97 -0.16 18.40
C LEU A 108 -3.43 0.53 19.67
N ASP A 109 -3.63 1.84 19.55
CA ASP A 109 -4.02 2.68 20.67
C ASP A 109 -5.52 2.73 20.82
N TYR A 110 -6.25 2.44 19.76
CA TYR A 110 -7.73 2.42 19.88
C TYR A 110 -8.27 1.53 18.79
N VAL A 111 -9.53 1.07 18.93
CA VAL A 111 -10.18 0.52 17.76
C VAL A 111 -11.21 1.52 17.28
N ASP A 112 -11.45 1.58 15.96
CA ASP A 112 -12.55 2.39 15.45
C ASP A 112 -13.88 1.88 15.85
N LEU A 113 -14.01 0.53 16.03
CA LEU A 113 -15.30 -0.01 16.32
C LEU A 113 -15.10 -1.25 17.18
N TYR A 114 -15.83 -1.33 18.29
CA TYR A 114 -15.82 -2.53 19.08
C TYR A 114 -17.20 -3.13 19.13
N LEU A 115 -17.35 -4.43 18.88
CA LEU A 115 -18.66 -4.99 18.84
C LEU A 115 -18.81 -6.05 19.87
N ILE A 116 -20.05 -6.19 20.36
CA ILE A 116 -20.42 -7.46 21.06
C ILE A 116 -20.50 -8.57 20.02
N HIS A 117 -19.63 -9.58 20.07
CA HIS A 117 -19.58 -10.49 18.91
C HIS A 117 -20.89 -11.27 18.73
N SER A 118 -21.50 -11.67 19.86
CA SER A 118 -22.73 -12.44 19.76
C SER A 118 -23.55 -12.22 21.03
N PRO A 119 -24.91 -12.33 20.92
CA PRO A 119 -25.72 -12.14 22.14
C PRO A 119 -25.52 -13.21 23.20
N MET A 120 -24.87 -14.28 22.82
CA MET A 120 -24.68 -15.43 23.76
C MET A 120 -23.59 -15.18 24.76
N SER A 121 -23.80 -15.62 25.99
CA SER A 121 -22.76 -15.52 27.00
C SER A 121 -22.25 -16.92 27.30
N LEU A 122 -20.92 -17.01 27.50
CA LEU A 122 -20.23 -18.30 27.76
C LEU A 122 -19.39 -18.17 29.06
N LYS A 123 -19.17 -19.29 29.74
CA LYS A 123 -18.43 -19.31 31.01
C LYS A 123 -17.12 -18.55 30.90
N PRO A 124 -16.84 -17.62 31.82
CA PRO A 124 -15.59 -16.84 31.73
C PRO A 124 -14.38 -17.75 31.94
N GLY A 125 -13.25 -17.38 31.33
CA GLY A 125 -12.03 -18.22 31.39
C GLY A 125 -10.82 -17.53 30.78
N LEU A 128 -11.83 -20.24 25.03
CA LEU A 128 -12.75 -19.69 24.01
C LEU A 128 -14.09 -20.41 23.90
N SER A 129 -14.06 -21.76 23.97
CA SER A 129 -15.29 -22.51 24.01
C SER A 129 -15.29 -23.51 25.19
N PRO A 130 -15.62 -23.04 26.39
CA PRO A 130 -15.61 -23.93 27.58
C PRO A 130 -16.67 -24.99 27.41
N THR A 131 -16.30 -26.25 27.68
CA THR A 131 -17.14 -27.42 27.36
C THR A 131 -17.27 -28.26 28.64
N ASP A 132 -18.46 -28.79 28.84
CA ASP A 132 -18.73 -29.45 30.12
C ASP A 132 -18.32 -30.91 30.01
N GLU A 133 -18.67 -31.75 30.99
CA GLU A 133 -18.20 -33.15 31.04
C GLU A 133 -18.63 -34.01 29.86
N ASN A 134 -19.67 -33.59 29.11
CA ASN A 134 -20.01 -34.34 27.92
C ASN A 134 -20.09 -33.55 26.56
N GLY A 135 -19.27 -32.55 26.34
CA GLY A 135 -19.44 -31.92 25.02
C GLY A 135 -18.93 -30.53 24.82
N LYS A 136 -19.73 -29.48 24.98
CA LYS A 136 -21.18 -29.41 25.19
C LYS A 136 -21.43 -28.00 25.73
N VAL A 137 -20.73 -27.04 25.14
CA VAL A 137 -20.65 -25.61 25.53
C VAL A 137 -21.35 -25.10 26.81
N ILE A 138 -20.57 -24.49 27.71
CA ILE A 138 -21.03 -23.97 28.96
C ILE A 138 -21.45 -22.48 28.86
N PHE A 139 -22.76 -22.24 28.83
CA PHE A 139 -23.33 -20.90 28.76
C PHE A 139 -23.32 -20.25 30.15
N ASP A 140 -23.41 -18.94 30.14
CA ASP A 140 -23.47 -18.07 31.31
C ASP A 140 -24.71 -17.14 31.11
N ILE A 141 -25.36 -16.69 32.19
CA ILE A 141 -26.52 -15.77 32.07
C ILE A 141 -25.95 -14.45 32.42
N VAL A 142 -25.89 -13.55 31.44
CA VAL A 142 -25.44 -12.14 31.66
C VAL A 142 -26.41 -11.27 30.86
N ASP A 143 -27.06 -10.36 31.55
CA ASP A 143 -27.90 -9.36 30.94
C ASP A 143 -27.03 -8.62 29.89
N LEU A 144 -27.45 -8.66 28.62
CA LEU A 144 -26.73 -7.96 27.57
C LEU A 144 -26.69 -6.47 27.85
N CYS A 145 -27.68 -5.94 28.58
CA CYS A 145 -27.71 -4.47 28.82
C CYS A 145 -26.57 -4.07 29.72
N THR A 146 -26.15 -4.97 30.62
CA THR A 146 -25.04 -4.59 31.53
C THR A 146 -23.70 -4.73 30.79
N THR A 147 -23.64 -5.68 29.86
CA THR A 147 -22.46 -5.73 28.94
C THR A 147 -22.42 -4.42 28.11
N TRP A 148 -23.54 -4.00 27.55
CA TRP A 148 -23.56 -2.78 26.80
C TRP A 148 -23.04 -1.59 27.62
N GLU A 149 -23.48 -1.45 28.87
CA GLU A 149 -22.96 -0.33 29.71
C GLU A 149 -21.44 -0.35 29.87
N ALA A 150 -20.85 -1.54 29.99
CA ALA A 150 -19.39 -1.61 30.07
C ALA A 150 -18.85 -1.20 28.65
N MET A 151 -19.58 -1.54 27.58
CA MET A 151 -19.19 -1.10 26.21
C MET A 151 -19.18 0.41 26.11
N GLU A 152 -20.24 1.08 26.60
CA GLU A 152 -20.29 2.57 26.67
C GLU A 152 -19.08 3.20 27.34
N LYS A 153 -18.56 2.58 28.41
CA LYS A 153 -17.35 3.12 29.09
C LYS A 153 -16.12 3.05 28.24
N CYS A 154 -15.99 1.99 27.44
CA CYS A 154 -14.87 1.90 26.50
C CYS A 154 -14.95 3.05 25.48
N LYS A 155 -16.15 3.39 24.99
CA LYS A 155 -16.24 4.58 24.12
C LYS A 155 -15.93 5.86 24.95
N ASP A 156 -16.49 6.00 26.17
CA ASP A 156 -16.15 7.20 27.02
C ASP A 156 -14.62 7.35 27.18
N ALA A 157 -13.92 6.24 27.28
CA ALA A 157 -12.47 6.23 27.52
C ALA A 157 -11.65 6.48 26.22
N GLY A 158 -12.28 6.43 25.05
CA GLY A 158 -11.57 6.66 23.77
C GLY A 158 -10.85 5.41 23.31
N LEU A 159 -11.09 4.27 23.98
CA LEU A 159 -10.49 2.98 23.57
C LEU A 159 -11.22 2.45 22.32
N ALA A 160 -12.52 2.73 22.27
CA ALA A 160 -13.31 2.41 21.05
C ALA A 160 -13.95 3.67 20.54
N LYS A 161 -13.60 4.13 19.34
CA LYS A 161 -14.28 5.30 18.85
C LYS A 161 -15.78 5.09 18.76
N SER A 162 -16.22 3.93 18.24
CA SER A 162 -17.63 3.58 18.04
C SER A 162 -17.90 2.20 18.64
N ILE A 163 -19.14 1.96 19.11
CA ILE A 163 -19.46 0.64 19.60
C ILE A 163 -20.68 0.07 18.94
N GLY A 164 -20.73 -1.26 18.74
CA GLY A 164 -21.91 -1.80 18.01
C GLY A 164 -22.16 -3.21 18.45
N VAL A 165 -22.98 -3.90 17.72
CA VAL A 165 -23.31 -5.30 18.03
C VAL A 165 -23.20 -6.16 16.81
N SER A 166 -23.25 -7.47 17.03
CA SER A 166 -23.13 -8.40 15.91
C SER A 166 -24.06 -9.60 16.18
N ASN A 167 -24.76 -10.07 15.16
CA ASN A 167 -25.63 -11.28 15.32
C ASN A 167 -26.85 -11.02 16.20
N PHE A 168 -27.28 -9.79 16.25
CA PHE A 168 -28.49 -9.41 17.05
C PHE A 168 -29.68 -9.45 16.13
N ASN A 169 -30.83 -9.92 16.63
CA ASN A 169 -32.06 -9.80 15.86
C ASN A 169 -32.79 -8.53 16.38
N ARG A 170 -33.95 -8.17 15.83
CA ARG A 170 -34.65 -6.94 16.24
C ARG A 170 -34.99 -6.92 17.75
N ARG A 171 -35.58 -7.98 18.29
CA ARG A 171 -35.82 -7.97 19.76
C ARG A 171 -34.52 -7.70 20.56
N GLN A 172 -33.41 -8.27 20.13
CA GLN A 172 -32.14 -8.14 20.89
C GLN A 172 -31.63 -6.68 20.80
N LEU A 173 -31.78 -6.08 19.61
CA LEU A 173 -31.51 -4.63 19.46
C LEU A 173 -32.37 -3.78 20.44
N GLU A 174 -33.65 -4.09 20.49
CA GLU A 174 -34.59 -3.38 21.38
C GLU A 174 -34.26 -3.57 22.84
N MET A 175 -33.70 -4.73 23.23
CA MET A 175 -33.24 -4.84 24.65
C MET A 175 -32.35 -3.61 25.00
N ILE A 176 -31.43 -3.27 24.10
CA ILE A 176 -30.52 -2.12 24.28
C ILE A 176 -31.15 -0.76 24.03
N LEU A 177 -31.83 -0.63 22.89
CA LEU A 177 -32.44 0.66 22.57
C LEU A 177 -33.48 1.13 23.65
N ASN A 178 -34.14 0.14 24.26
CA ASN A 178 -35.12 0.38 25.32
C ASN A 178 -34.54 0.47 26.72
N LYS A 179 -33.23 0.26 26.85
CA LYS A 179 -32.56 0.35 28.17
C LYS A 179 -32.71 1.73 28.83
N PRO A 180 -33.20 1.79 30.10
CA PRO A 180 -33.13 3.02 30.89
C PRO A 180 -31.71 3.56 31.03
N GLY A 181 -31.52 4.85 30.80
CA GLY A 181 -30.22 5.46 31.09
C GLY A 181 -29.23 5.27 29.94
N LEU A 182 -29.66 4.53 28.91
CA LEU A 182 -28.98 4.49 27.62
C LEU A 182 -28.18 5.76 27.29
N LYS A 183 -26.87 5.59 27.16
CA LYS A 183 -25.99 6.66 26.73
C LYS A 183 -25.70 6.62 25.18
N TYR A 184 -25.38 5.45 24.63
CA TYR A 184 -25.06 5.37 23.19
C TYR A 184 -25.79 4.25 22.51
N LYS A 185 -26.41 4.57 21.37
CA LYS A 185 -26.94 3.50 20.50
C LYS A 185 -25.85 2.68 19.88
N PRO A 186 -26.11 1.40 19.56
CA PRO A 186 -25.10 0.79 18.70
C PRO A 186 -25.08 1.47 17.34
N VAL A 187 -23.88 1.62 16.77
CA VAL A 187 -23.75 2.24 15.43
C VAL A 187 -24.17 1.29 14.36
N CYS A 188 -24.05 0.00 14.66
CA CYS A 188 -24.24 -1.00 13.70
C CYS A 188 -24.68 -2.33 14.29
N ASN A 189 -25.19 -3.19 13.41
CA ASN A 189 -25.44 -4.58 13.75
C ASN A 189 -24.83 -5.41 12.62
N GLN A 190 -23.71 -6.05 12.91
CA GLN A 190 -23.04 -6.84 11.86
C GLN A 190 -23.63 -8.30 11.82
N VAL A 191 -24.26 -8.71 10.71
CA VAL A 191 -25.07 -9.99 10.65
C VAL A 191 -24.84 -10.65 9.34
N GLU A 192 -25.12 -11.97 9.24
CA GLU A 192 -25.05 -12.65 7.97
C GLU A 192 -26.08 -12.03 7.00
N CYS A 193 -25.64 -11.67 5.81
CA CYS A 193 -26.56 -10.94 4.92
C CYS A 193 -26.10 -11.08 3.53
N HIS A 194 -26.83 -11.80 2.69
CA HIS A 194 -26.46 -11.96 1.24
C HIS A 194 -27.78 -12.22 0.49
N PRO A 195 -27.73 -12.41 -0.83
CA PRO A 195 -28.98 -12.50 -1.63
C PRO A 195 -29.92 -13.68 -1.27
N TYR A 196 -29.42 -14.70 -0.57
CA TYR A 196 -30.19 -15.90 -0.17
C TYR A 196 -30.78 -15.72 1.21
N PHE A 197 -30.37 -14.65 1.92
CA PHE A 197 -30.82 -14.43 3.30
C PHE A 197 -30.55 -12.93 3.43
N ASN A 198 -31.39 -12.11 2.82
CA ASN A 198 -31.14 -10.66 2.65
C ASN A 198 -31.52 -9.72 3.79
N ARG A 199 -32.23 -10.23 4.79
CA ARG A 199 -32.47 -9.51 6.06
C ARG A 199 -33.31 -8.25 5.84
N SER A 200 -34.23 -8.26 4.88
CA SER A 200 -34.77 -6.93 4.47
C SER A 200 -35.60 -6.33 5.60
N LYS A 201 -36.37 -7.19 6.27
CA LYS A 201 -37.06 -6.85 7.53
C LYS A 201 -36.10 -6.25 8.63
N LEU A 202 -34.98 -6.92 8.89
CA LEU A 202 -34.02 -6.42 9.87
C LEU A 202 -33.47 -5.08 9.37
N LEU A 203 -33.17 -4.99 8.08
CA LEU A 203 -32.63 -3.74 7.46
C LEU A 203 -33.52 -2.55 7.71
N ASP A 204 -34.83 -2.72 7.45
CA ASP A 204 -35.82 -1.62 7.64
C ASP A 204 -35.84 -1.20 9.05
N PHE A 205 -35.64 -2.16 9.97
CA PHE A 205 -35.67 -1.88 11.42
C PHE A 205 -34.45 -1.06 11.75
N CYS A 206 -33.28 -1.52 11.33
CA CYS A 206 -32.00 -0.83 11.63
C CYS A 206 -32.02 0.62 11.05
N LYS A 207 -32.38 0.77 9.77
CA LYS A 207 -32.57 2.12 9.17
C LYS A 207 -33.46 3.01 10.02
N SER A 208 -34.51 2.43 10.55
CA SER A 208 -35.50 3.18 11.37
C SER A 208 -34.90 3.68 12.66
N LYS A 209 -33.83 3.03 13.14
CA LYS A 209 -33.18 3.47 14.38
C LYS A 209 -31.81 4.08 14.06
N ASP A 210 -31.53 4.33 12.79
CA ASP A 210 -30.25 4.93 12.39
C ASP A 210 -29.07 4.04 12.81
N ILE A 211 -29.30 2.71 12.66
CA ILE A 211 -28.28 1.65 12.90
C ILE A 211 -27.88 1.12 11.53
N VAL A 212 -26.58 1.12 11.21
CA VAL A 212 -26.10 0.60 9.92
C VAL A 212 -26.06 -0.95 9.95
N LEU A 213 -26.57 -1.66 8.94
CA LEU A 213 -26.45 -3.11 8.93
C LEU A 213 -25.14 -3.43 8.21
N VAL A 214 -24.30 -4.29 8.80
CA VAL A 214 -23.02 -4.65 8.17
C VAL A 214 -23.11 -6.16 7.81
N ALA A 215 -22.96 -6.48 6.52
CA ALA A 215 -23.12 -7.81 5.98
C ALA A 215 -21.85 -8.64 6.00
N TYR A 216 -21.94 -9.78 6.68
CA TYR A 216 -20.84 -10.73 6.62
C TYR A 216 -21.35 -11.91 5.85
N SER A 217 -20.43 -12.76 5.39
CA SER A 217 -20.73 -13.83 4.45
C SER A 217 -21.51 -13.29 3.21
N ALA A 218 -21.17 -12.06 2.75
CA ALA A 218 -21.84 -11.41 1.62
C ALA A 218 -21.53 -12.13 0.35
N LEU A 219 -20.43 -12.86 0.31
CA LEU A 219 -20.11 -13.61 -0.92
C LEU A 219 -20.55 -15.07 -0.81
N GLY A 220 -21.36 -15.39 0.20
CA GLY A 220 -21.86 -16.77 0.38
C GLY A 220 -20.99 -17.61 1.33
N SER A 221 -20.17 -16.95 2.16
CA SER A 221 -19.34 -17.65 3.19
C SER A 221 -18.18 -18.48 2.61
N GLN A 222 -17.29 -18.95 3.46
CA GLN A 222 -16.13 -19.70 2.95
C GLN A 222 -16.50 -21.18 2.94
N ARG A 223 -17.74 -21.50 3.30
CA ARG A 223 -18.24 -22.89 3.12
C ARG A 223 -17.38 -23.92 3.88
N ASP A 224 -16.72 -23.46 4.95
CA ASP A 224 -15.99 -24.30 5.88
C ASP A 224 -16.85 -25.54 6.24
N LYS A 225 -16.32 -26.74 5.99
CA LYS A 225 -17.05 -27.98 6.31
C LYS A 225 -17.40 -28.23 7.78
N ARG A 226 -16.76 -27.55 8.72
CA ARG A 226 -17.18 -27.64 10.11
C ARG A 226 -18.54 -26.94 10.30
N VAL A 228 -21.21 -25.36 8.02
CA VAL A 228 -21.79 -25.06 6.70
C VAL A 228 -21.96 -26.37 5.95
N ASP A 229 -23.23 -26.70 5.70
CA ASP A 229 -23.68 -27.90 4.99
C ASP A 229 -23.06 -27.96 3.59
N PRO A 230 -22.47 -29.10 3.24
CA PRO A 230 -21.93 -29.01 1.89
C PRO A 230 -23.03 -29.11 0.82
N ASN A 231 -24.26 -29.44 1.21
CA ASN A 231 -25.35 -29.48 0.22
C ASN A 231 -25.98 -28.14 -0.14
N SER A 232 -25.75 -27.10 0.68
CA SER A 232 -26.32 -25.76 0.43
C SER A 232 -25.93 -25.22 -0.96
N PRO A 233 -26.84 -24.48 -1.65
CA PRO A 233 -26.46 -23.92 -2.93
C PRO A 233 -25.26 -22.97 -2.81
N VAL A 234 -24.55 -22.80 -3.89
CA VAL A 234 -23.36 -21.98 -3.85
C VAL A 234 -23.75 -20.59 -4.40
N LEU A 235 -23.64 -19.57 -3.54
CA LEU A 235 -24.17 -18.26 -3.90
C LEU A 235 -23.65 -17.70 -5.22
N LEU A 236 -22.34 -17.83 -5.47
CA LEU A 236 -21.72 -17.21 -6.64
C LEU A 236 -21.98 -17.95 -7.97
N GLU A 237 -22.51 -19.17 -7.90
CA GLU A 237 -23.04 -19.81 -9.13
C GLU A 237 -24.52 -19.54 -9.38
N ASP A 238 -25.17 -18.75 -8.51
CA ASP A 238 -26.58 -18.37 -8.80
C ASP A 238 -26.78 -17.77 -10.23
N PRO A 239 -27.59 -18.46 -11.11
CA PRO A 239 -27.80 -17.93 -12.47
C PRO A 239 -28.18 -16.44 -12.55
N VAL A 240 -28.89 -15.91 -11.55
CA VAL A 240 -29.17 -14.45 -11.59
C VAL A 240 -27.90 -13.65 -11.40
N LEU A 241 -27.08 -14.06 -10.45
CA LEU A 241 -25.84 -13.28 -10.18
C LEU A 241 -24.93 -13.35 -11.42
N CYS A 242 -24.84 -14.54 -12.02
CA CYS A 242 -24.03 -14.69 -13.23
C CYS A 242 -24.59 -13.98 -14.45
N ALA A 243 -25.92 -13.87 -14.58
CA ALA A 243 -26.52 -13.09 -15.72
C ALA A 243 -26.22 -11.58 -15.51
N LEU A 244 -26.42 -11.10 -14.28
CA LEU A 244 -25.96 -9.76 -13.95
C LEU A 244 -24.45 -9.52 -14.18
N ALA A 245 -23.63 -10.51 -13.83
CA ALA A 245 -22.17 -10.43 -14.03
C ALA A 245 -21.83 -10.17 -15.47
N LYS A 246 -22.46 -10.90 -16.39
CA LYS A 246 -22.10 -10.80 -17.81
C LYS A 246 -22.68 -9.54 -18.42
N LYS A 247 -23.92 -9.21 -18.06
CA LYS A 247 -24.53 -7.99 -18.51
C LYS A 247 -23.68 -6.75 -18.19
N HIS A 248 -23.24 -6.62 -16.92
CA HIS A 248 -22.34 -5.51 -16.48
C HIS A 248 -20.82 -5.75 -16.77
N LYS A 249 -20.48 -6.92 -17.29
CA LYS A 249 -19.06 -7.27 -17.50
C LYS A 249 -18.23 -7.10 -16.21
N ARG A 250 -18.75 -7.64 -15.09
CA ARG A 250 -17.95 -7.78 -13.83
C ARG A 250 -18.08 -9.23 -13.43
N THR A 251 -18.08 -9.54 -12.14
CA THR A 251 -18.16 -10.91 -11.70
C THR A 251 -19.35 -11.08 -10.74
N PRO A 252 -19.75 -12.33 -10.42
CA PRO A 252 -20.81 -12.63 -9.47
C PRO A 252 -20.50 -12.05 -8.06
N ALA A 253 -19.27 -12.23 -7.54
CA ALA A 253 -18.84 -11.56 -6.29
C ALA A 253 -19.15 -10.03 -6.27
N LEU A 254 -18.72 -9.32 -7.32
CA LEU A 254 -18.91 -7.93 -7.42
C LEU A 254 -20.38 -7.59 -7.54
N ILE A 255 -21.22 -8.48 -8.11
CA ILE A 255 -22.63 -8.13 -8.24
C ILE A 255 -23.23 -8.18 -6.82
N ALA A 256 -22.79 -9.13 -6.05
CA ALA A 256 -23.27 -9.39 -4.67
C ALA A 256 -22.87 -8.32 -3.75
N LEU A 257 -21.66 -7.79 -3.91
CA LEU A 257 -21.23 -6.65 -3.07
C LEU A 257 -21.97 -5.35 -3.45
N ARG A 258 -22.10 -5.09 -4.75
CA ARG A 258 -22.75 -3.84 -5.21
C ARG A 258 -24.19 -3.81 -4.78
N TYR A 259 -24.83 -4.98 -4.79
CA TYR A 259 -26.25 -5.04 -4.32
C TYR A 259 -26.31 -4.51 -2.90
N GLN A 260 -25.41 -4.98 -2.03
CA GLN A 260 -25.37 -4.45 -0.69
C GLN A 260 -25.15 -2.90 -0.67
N LEU A 261 -24.16 -2.37 -1.38
CA LEU A 261 -23.96 -0.88 -1.35
C LEU A 261 -25.24 -0.10 -1.74
N GLN A 262 -25.94 -0.54 -2.79
CA GLN A 262 -27.12 0.24 -3.25
C GLN A 262 -28.28 0.03 -2.30
N ARG A 263 -28.21 -0.93 -1.35
CA ARG A 263 -29.35 -0.98 -0.40
C ARG A 263 -29.09 -0.25 0.90
N GLY A 264 -27.95 0.44 0.98
CA GLY A 264 -27.52 1.12 2.16
C GLY A 264 -26.88 0.21 3.20
N VAL A 265 -26.34 -0.90 2.78
CA VAL A 265 -25.75 -1.85 3.71
C VAL A 265 -24.21 -1.72 3.52
N VAL A 266 -23.48 -1.75 4.64
CA VAL A 266 -22.01 -1.74 4.56
C VAL A 266 -21.60 -3.20 4.40
N VAL A 267 -20.62 -3.49 3.55
CA VAL A 267 -20.45 -4.86 3.13
C VAL A 267 -18.99 -5.29 3.36
N LEU A 268 -18.80 -6.47 3.94
CA LEU A 268 -17.47 -6.99 4.12
C LEU A 268 -17.16 -7.96 3.02
N ALA A 269 -15.87 -8.19 2.82
CA ALA A 269 -15.52 -9.13 1.76
C ALA A 269 -14.22 -9.75 2.19
N LYS A 270 -14.19 -11.07 2.48
CA LYS A 270 -12.93 -11.77 2.78
C LYS A 270 -12.31 -12.29 1.48
N SER A 271 -11.00 -12.08 1.31
CA SER A 271 -10.26 -12.82 0.29
C SER A 271 -8.83 -12.95 0.74
N TYR A 272 -8.25 -14.14 0.61
CA TYR A 272 -6.80 -14.32 0.87
C TYR A 272 -6.06 -14.46 -0.47
N ASN A 273 -6.70 -13.95 -1.52
CA ASN A 273 -6.19 -14.03 -2.91
C ASN A 273 -5.91 -12.67 -3.48
N GLU A 274 -4.67 -12.48 -3.95
CA GLU A 274 -4.25 -11.17 -4.46
C GLU A 274 -5.14 -10.60 -5.58
N GLN A 275 -5.61 -11.44 -6.51
CA GLN A 275 -6.34 -10.86 -7.65
C GLN A 275 -7.75 -10.55 -7.20
N ARG A 276 -8.27 -11.38 -6.32
CA ARG A 276 -9.66 -11.22 -5.85
C ARG A 276 -9.77 -10.02 -4.92
N ILE A 277 -8.77 -9.85 -4.06
CA ILE A 277 -8.66 -8.64 -3.24
C ILE A 277 -8.70 -7.35 -4.08
N ARG A 278 -7.86 -7.28 -5.14
CA ARG A 278 -7.84 -6.12 -6.05
C ARG A 278 -9.14 -6.00 -6.80
N GLN A 279 -9.74 -7.14 -7.11
CA GLN A 279 -10.99 -7.11 -7.89
C GLN A 279 -12.13 -6.49 -7.09
N ASN A 280 -12.18 -6.81 -5.79
CA ASN A 280 -13.32 -6.45 -4.94
C ASN A 280 -13.55 -4.95 -4.84
N VAL A 281 -12.47 -4.19 -4.85
CA VAL A 281 -12.55 -2.72 -4.89
C VAL A 281 -13.17 -2.14 -6.17
N GLN A 282 -13.36 -2.95 -7.23
CA GLN A 282 -14.13 -2.50 -8.45
C GLN A 282 -15.59 -2.28 -8.17
N VAL A 283 -15.99 -2.56 -6.95
CA VAL A 283 -17.39 -2.44 -6.61
C VAL A 283 -17.87 -1.00 -6.75
N PHE A 284 -16.95 -0.04 -6.67
CA PHE A 284 -17.26 1.39 -6.82
C PHE A 284 -17.36 1.92 -8.26
N GLU A 285 -17.01 1.07 -9.21
CA GLU A 285 -16.91 1.43 -10.64
C GLU A 285 -18.16 1.27 -11.47
N PHE A 286 -19.19 0.60 -10.94
CA PHE A 286 -20.36 0.32 -11.77
C PHE A 286 -21.62 0.45 -10.91
N GLN A 287 -22.78 0.51 -11.53
CA GLN A 287 -24.03 0.38 -10.77
C GLN A 287 -25.01 -0.61 -11.29
N LEU A 288 -25.89 -1.04 -10.41
CA LEU A 288 -27.02 -1.95 -10.76
C LEU A 288 -28.29 -1.13 -10.98
N THR A 289 -29.08 -1.48 -12.00
CA THR A 289 -30.35 -0.77 -12.32
C THR A 289 -31.39 -1.16 -11.26
N ALA A 290 -32.55 -0.50 -11.24
CA ALA A 290 -33.61 -0.92 -10.34
C ALA A 290 -34.10 -2.35 -10.66
N GLU A 291 -34.23 -2.66 -11.96
CA GLU A 291 -34.58 -4.02 -12.37
C GLU A 291 -33.53 -5.05 -11.95
N ASP A 292 -32.23 -4.70 -12.05
CA ASP A 292 -31.19 -5.61 -11.47
C ASP A 292 -31.46 -5.81 -9.95
N MET A 293 -31.55 -4.70 -9.20
CA MET A 293 -31.84 -4.73 -7.75
C MET A 293 -33.02 -5.67 -7.47
N LYS A 294 -34.12 -5.44 -8.20
CA LYS A 294 -35.28 -6.35 -8.10
C LYS A 294 -35.02 -7.82 -8.39
N ALA A 295 -34.19 -8.16 -9.38
CA ALA A 295 -33.88 -9.57 -9.64
C ALA A 295 -33.15 -10.13 -8.45
N ILE A 296 -32.23 -9.34 -7.90
CA ILE A 296 -31.47 -9.85 -6.72
C ILE A 296 -32.38 -10.06 -5.51
N ASP A 297 -33.31 -9.12 -5.27
CA ASP A 297 -34.25 -9.24 -4.18
C ASP A 297 -35.03 -10.55 -4.23
N GLY A 298 -35.38 -10.99 -5.45
CA GLY A 298 -36.13 -12.26 -5.75
C GLY A 298 -35.42 -13.52 -5.31
N LEU A 299 -34.13 -13.42 -4.97
CA LEU A 299 -33.35 -14.56 -4.54
C LEU A 299 -33.48 -14.93 -3.08
N ASP A 300 -34.07 -14.05 -2.28
CA ASP A 300 -34.23 -14.28 -0.81
C ASP A 300 -34.87 -15.65 -0.58
N ARG A 301 -34.29 -16.49 0.30
CA ARG A 301 -34.85 -17.85 0.51
C ARG A 301 -34.56 -18.32 1.88
N ASN A 302 -34.17 -17.39 2.73
CA ASN A 302 -33.89 -17.74 4.11
C ASN A 302 -32.89 -18.90 4.20
N LEU A 303 -31.84 -18.88 3.38
CA LEU A 303 -30.69 -19.79 3.55
C LEU A 303 -29.62 -19.20 4.47
N HIS A 304 -29.37 -19.85 5.62
CA HIS A 304 -28.36 -19.44 6.62
C HIS A 304 -27.13 -20.26 6.36
N TYR A 305 -25.98 -19.66 6.06
CA TYR A 305 -24.77 -20.48 5.88
C TYR A 305 -24.12 -20.79 7.21
N PHE A 306 -24.09 -19.80 8.10
CA PHE A 306 -23.32 -19.94 9.32
C PHE A 306 -24.10 -20.53 10.51
N GLN B 6 22.87 23.17 -17.58
CA GLN B 6 21.98 22.01 -17.98
C GLN B 6 21.40 21.29 -16.74
N CYS B 7 20.90 22.08 -15.79
CA CYS B 7 20.52 21.64 -14.43
C CYS B 7 19.14 22.18 -14.07
N VAL B 8 18.50 21.53 -13.11
CA VAL B 8 17.31 22.11 -12.50
C VAL B 8 17.74 22.52 -11.08
N LYS B 9 17.14 23.60 -10.57
CA LYS B 9 17.50 24.07 -9.25
C LYS B 9 16.59 23.30 -8.26
N LEU B 10 17.17 22.71 -7.23
CA LEU B 10 16.42 21.83 -6.30
C LEU B 10 15.82 22.72 -5.24
N ASN B 11 14.82 22.27 -4.51
CA ASN B 11 14.17 23.11 -3.53
C ASN B 11 15.09 23.46 -2.33
N ASP B 12 16.32 22.93 -2.27
CA ASP B 12 17.24 23.32 -1.20
C ASP B 12 18.31 24.29 -1.77
N GLY B 13 18.08 24.78 -2.98
CA GLY B 13 19.00 25.69 -3.68
C GLY B 13 20.19 25.03 -4.35
N HIS B 14 20.35 23.69 -4.30
CA HIS B 14 21.48 23.03 -5.03
C HIS B 14 21.05 22.73 -6.45
N PHE B 15 22.00 22.46 -7.33
CA PHE B 15 21.64 22.18 -8.68
C PHE B 15 21.89 20.73 -9.09
N MET B 16 20.90 20.16 -9.76
CA MET B 16 21.03 18.78 -10.32
C MET B 16 21.13 18.73 -11.89
N PRO B 17 22.18 18.11 -12.47
CA PRO B 17 22.16 17.88 -13.94
C PRO B 17 20.99 16.98 -14.39
N VAL B 18 20.32 17.34 -15.50
CA VAL B 18 19.05 16.74 -15.93
C VAL B 18 19.17 15.42 -16.60
N LEU B 19 20.39 15.04 -17.03
CA LEU B 19 20.69 13.71 -17.58
C LEU B 19 21.68 13.12 -16.61
N GLY B 20 21.35 11.93 -16.06
CA GLY B 20 22.29 11.17 -15.17
C GLY B 20 22.57 9.82 -15.75
N PHE B 21 23.74 9.24 -15.44
CA PHE B 21 24.18 7.97 -15.96
C PHE B 21 23.79 6.90 -14.94
N GLY B 22 23.03 5.88 -15.36
CA GLY B 22 22.69 4.65 -14.56
C GLY B 22 23.90 3.73 -14.46
N THR B 23 24.23 3.30 -13.25
CA THR B 23 25.44 2.53 -13.02
C THR B 23 25.10 1.09 -12.69
N TYR B 24 23.82 0.83 -12.43
CA TYR B 24 23.50 -0.53 -12.08
C TYR B 24 23.81 -1.48 -13.24
N ALA B 25 24.54 -2.54 -12.91
CA ALA B 25 24.74 -3.66 -13.84
C ALA B 25 24.53 -4.94 -13.05
N PRO B 26 24.02 -6.00 -13.69
CA PRO B 26 23.66 -7.22 -12.94
C PRO B 26 24.86 -8.01 -12.43
N PRO B 27 24.61 -8.91 -11.44
CA PRO B 27 25.65 -9.67 -10.74
C PRO B 27 26.69 -10.31 -11.68
N GLU B 28 26.31 -10.77 -12.86
CA GLU B 28 27.28 -11.38 -13.80
C GLU B 28 28.40 -10.42 -14.15
N VAL B 29 28.02 -9.34 -14.84
CA VAL B 29 28.96 -8.31 -15.32
C VAL B 29 30.10 -7.96 -14.34
N PRO B 30 31.38 -8.15 -14.75
CA PRO B 30 32.48 -7.91 -13.77
C PRO B 30 32.59 -6.44 -13.24
N ARG B 31 32.88 -6.29 -11.94
CA ARG B 31 32.83 -4.98 -11.26
C ARG B 31 33.66 -3.93 -11.97
N SER B 32 34.78 -4.36 -12.56
CA SER B 32 35.76 -3.45 -13.19
C SER B 32 35.17 -2.72 -14.37
N LYS B 33 34.09 -3.26 -14.92
CA LYS B 33 33.42 -2.62 -16.05
C LYS B 33 32.78 -1.30 -15.55
N ALA B 34 32.20 -1.31 -14.33
CA ALA B 34 31.59 -0.09 -13.77
C ALA B 34 32.59 1.07 -13.74
N LEU B 35 33.86 0.71 -13.55
CA LEU B 35 34.93 1.64 -13.52
C LEU B 35 35.14 2.17 -14.95
N GLU B 36 35.21 1.28 -15.92
CA GLU B 36 35.51 1.69 -17.27
C GLU B 36 34.40 2.55 -17.81
N VAL B 37 33.15 2.12 -17.60
CA VAL B 37 32.01 2.84 -18.21
C VAL B 37 31.76 4.20 -17.55
N THR B 38 31.99 4.33 -16.23
CA THR B 38 31.79 5.62 -15.55
C THR B 38 32.78 6.69 -16.05
N LYS B 39 34.06 6.31 -16.27
CA LYS B 39 35.02 7.22 -16.82
C LYS B 39 34.59 7.56 -18.24
N LEU B 40 34.09 6.59 -18.98
CA LEU B 40 33.62 6.91 -20.36
C LEU B 40 32.42 7.84 -20.36
N ALA B 41 31.49 7.64 -19.41
CA ALA B 41 30.32 8.54 -19.27
C ALA B 41 30.76 9.98 -18.96
N ILE B 42 31.76 10.12 -18.08
CA ILE B 42 32.26 11.42 -17.73
C ILE B 42 32.92 12.09 -18.97
N GLU B 43 33.77 11.32 -19.65
CA GLU B 43 34.41 11.73 -20.92
C GLU B 43 33.38 12.25 -21.91
N ALA B 44 32.38 11.39 -22.19
CA ALA B 44 31.31 11.77 -23.13
C ALA B 44 30.42 12.96 -22.65
N GLY B 45 30.39 13.27 -21.36
CA GLY B 45 29.86 14.58 -20.86
C GLY B 45 28.77 14.47 -19.78
N PHE B 46 28.52 13.26 -19.27
CA PHE B 46 27.65 13.04 -18.11
C PHE B 46 28.24 13.66 -16.88
N ARG B 47 27.41 14.25 -16.03
CA ARG B 47 27.90 14.87 -14.83
C ARG B 47 27.18 14.35 -13.58
N HIS B 48 26.04 13.74 -13.80
CA HIS B 48 25.16 13.24 -12.75
C HIS B 48 25.38 11.71 -12.84
N ILE B 49 25.76 11.06 -11.75
CA ILE B 49 26.04 9.66 -11.78
C ILE B 49 25.24 9.04 -10.64
N ASP B 50 24.47 7.99 -10.93
CA ASP B 50 23.56 7.43 -9.93
C ASP B 50 24.05 6.06 -9.48
N SER B 51 24.26 5.88 -8.19
CA SER B 51 24.62 4.51 -7.69
C SER B 51 23.86 4.25 -6.37
N ALA B 52 24.30 3.31 -5.53
CA ALA B 52 23.49 2.91 -4.34
C ALA B 52 24.34 1.84 -3.64
N HIS B 53 24.07 1.63 -2.35
CA HIS B 53 24.81 0.59 -1.62
C HIS B 53 24.42 -0.72 -2.24
N LEU B 54 23.17 -0.82 -2.67
CA LEU B 54 22.65 -2.03 -3.28
C LEU B 54 23.42 -2.50 -4.52
N TYR B 55 23.98 -1.55 -5.29
CA TYR B 55 24.61 -1.86 -6.56
C TYR B 55 25.95 -2.53 -6.42
N ASN B 56 26.51 -2.51 -5.21
CA ASN B 56 27.86 -3.10 -4.99
C ASN B 56 28.87 -2.63 -6.10
N ASN B 57 28.99 -1.31 -6.30
CA ASN B 57 29.89 -0.74 -7.31
C ASN B 57 30.41 0.59 -6.86
N GLU B 58 30.22 0.90 -5.58
CA GLU B 58 30.52 2.23 -5.14
C GLU B 58 32.02 2.48 -5.13
N GLU B 59 32.78 1.42 -4.84
CA GLU B 59 34.23 1.56 -4.89
C GLU B 59 34.69 1.97 -6.31
N GLN B 60 34.15 1.28 -7.31
CA GLN B 60 34.49 1.46 -8.72
C GLN B 60 34.01 2.78 -9.30
N VAL B 61 32.79 3.15 -8.90
CA VAL B 61 32.16 4.39 -9.41
C VAL B 61 32.93 5.50 -8.72
N GLY B 62 33.32 5.26 -7.47
CA GLY B 62 34.01 6.32 -6.77
C GLY B 62 35.39 6.48 -7.39
N LEU B 63 36.01 5.36 -7.75
CA LEU B 63 37.38 5.43 -8.36
C LEU B 63 37.35 6.17 -9.72
N ALA B 64 36.32 5.84 -10.50
CA ALA B 64 36.07 6.50 -11.79
C ALA B 64 36.01 8.01 -11.62
N ILE B 65 35.17 8.49 -10.69
CA ILE B 65 35.07 9.91 -10.38
C ILE B 65 36.43 10.56 -9.96
N ARG B 66 37.10 9.91 -9.00
CA ARG B 66 38.40 10.40 -8.54
C ARG B 66 39.39 10.50 -9.70
N SER B 67 39.29 9.54 -10.59
CA SER B 67 40.29 9.46 -11.66
C SER B 67 40.05 10.63 -12.69
N LYS B 68 38.78 10.95 -12.93
CA LYS B 68 38.43 12.05 -13.80
C LYS B 68 38.63 13.41 -13.17
N ILE B 69 38.77 13.45 -11.84
CA ILE B 69 39.15 14.68 -11.17
C ILE B 69 40.71 14.82 -11.29
N ALA B 70 41.39 13.72 -11.05
CA ALA B 70 42.86 13.75 -10.99
C ALA B 70 43.48 14.06 -12.37
N ASP B 71 42.93 13.46 -13.44
CA ASP B 71 43.30 13.87 -14.82
C ASP B 71 42.75 15.27 -15.32
N GLY B 72 42.15 16.05 -14.41
CA GLY B 72 41.78 17.46 -14.64
C GLY B 72 40.58 17.64 -15.59
N SER B 73 39.88 16.55 -15.88
CA SER B 73 38.62 16.62 -16.69
C SER B 73 37.48 17.39 -16.04
N VAL B 74 37.29 17.16 -14.72
CA VAL B 74 36.17 17.73 -14.03
C VAL B 74 36.72 18.09 -12.69
N LYS B 75 36.12 19.10 -12.06
CA LYS B 75 36.37 19.33 -10.63
C LYS B 75 35.30 18.55 -9.82
N ARG B 76 35.58 18.26 -8.55
CA ARG B 76 34.57 17.53 -7.73
C ARG B 76 33.16 18.20 -7.80
N GLU B 77 33.15 19.53 -7.78
CA GLU B 77 31.93 20.36 -7.74
C GLU B 77 31.19 20.30 -9.04
N ASP B 78 31.83 19.77 -10.08
CA ASP B 78 31.23 19.54 -11.37
C ASP B 78 30.42 18.25 -11.45
N ILE B 79 30.63 17.31 -10.52
CA ILE B 79 29.99 16.01 -10.56
C ILE B 79 28.87 15.98 -9.54
N PHE B 80 27.76 15.37 -9.92
CA PHE B 80 26.68 15.24 -8.99
C PHE B 80 26.55 13.72 -8.77
N TYR B 81 26.92 13.27 -7.57
CA TYR B 81 26.93 11.81 -7.38
C TYR B 81 25.88 11.45 -6.35
N THR B 82 25.07 10.43 -6.65
CA THR B 82 23.96 10.00 -5.82
C THR B 82 24.23 8.64 -5.30
N SER B 83 23.99 8.48 -3.99
CA SER B 83 23.99 7.12 -3.44
C SER B 83 22.68 6.95 -2.76
N LYS B 84 22.41 5.74 -2.27
CA LYS B 84 21.08 5.40 -1.69
C LYS B 84 21.20 4.49 -0.46
N LEU B 85 20.38 4.80 0.53
CA LEU B 85 20.32 4.09 1.78
C LEU B 85 19.50 2.83 1.57
N TRP B 86 20.06 1.66 1.88
CA TRP B 86 19.37 0.41 1.58
C TRP B 86 18.33 0.13 2.71
N SER B 87 17.32 -0.70 2.43
CA SER B 87 16.14 -0.88 3.30
C SER B 87 16.42 -1.63 4.59
N THR B 88 17.61 -2.21 4.74
CA THR B 88 18.02 -2.75 6.01
C THR B 88 18.58 -1.74 6.96
N PHE B 89 18.72 -0.49 6.48
CA PHE B 89 19.28 0.57 7.29
C PHE B 89 18.26 1.71 7.66
N HIS B 90 16.96 1.44 7.71
CA HIS B 90 16.01 2.52 7.97
C HIS B 90 15.99 3.02 9.42
N ARG B 91 16.39 2.15 10.33
CA ARG B 91 16.36 2.61 11.77
C ARG B 91 17.36 3.73 11.86
N PRO B 92 16.98 4.80 12.51
CA PRO B 92 17.62 6.15 12.49
C PRO B 92 19.10 6.12 12.83
N GLU B 93 19.45 5.28 13.80
CA GLU B 93 20.86 5.13 14.24
C GLU B 93 21.72 4.38 13.20
N LEU B 94 21.09 3.66 12.26
CA LEU B 94 21.84 3.06 11.15
C LEU B 94 22.13 3.97 9.92
N VAL B 95 21.44 5.10 9.84
CA VAL B 95 21.47 5.90 8.61
C VAL B 95 22.82 6.63 8.35
N ARG B 96 23.34 7.28 9.36
CA ARG B 96 24.60 7.99 9.24
C ARG B 96 25.78 7.03 9.01
N PRO B 97 25.80 5.87 9.73
CA PRO B 97 26.90 4.97 9.39
C PRO B 97 26.77 4.32 8.02
N ALA B 98 25.55 4.16 7.50
CA ALA B 98 25.47 3.57 6.15
C ALA B 98 26.01 4.57 5.12
N LEU B 99 25.73 5.84 5.37
CA LEU B 99 26.28 6.91 4.52
C LEU B 99 27.82 7.02 4.61
N GLU B 100 28.34 6.99 5.82
CA GLU B 100 29.81 7.08 5.99
C GLU B 100 30.48 5.89 5.32
N ASN B 101 29.85 4.72 5.43
CA ASN B 101 30.28 3.55 4.74
C ASN B 101 30.30 3.73 3.22
N SER B 102 29.20 4.20 2.61
CA SER B 102 29.26 4.47 1.17
C SER B 102 30.37 5.50 0.83
N LEU B 103 30.59 6.50 1.69
CA LEU B 103 31.62 7.52 1.42
C LEU B 103 33.05 6.92 1.48
N LYS B 104 33.26 6.04 2.47
CA LYS B 104 34.54 5.30 2.53
C LYS B 104 34.78 4.45 1.30
N LYS B 105 33.78 3.71 0.83
CA LYS B 105 34.01 2.83 -0.29
C LYS B 105 34.35 3.71 -1.48
N ALA B 106 33.69 4.84 -1.62
CA ALA B 106 33.87 5.68 -2.83
C ALA B 106 35.11 6.57 -2.68
N GLN B 107 35.59 6.74 -1.44
CA GLN B 107 36.61 7.76 -1.06
C GLN B 107 36.22 9.12 -1.54
N LEU B 108 34.94 9.42 -1.39
CA LEU B 108 34.43 10.76 -1.59
C LEU B 108 34.24 11.43 -0.25
N ASP B 109 34.34 12.76 -0.22
CA ASP B 109 34.11 13.48 1.03
C ASP B 109 32.60 13.68 1.32
N TYR B 110 31.77 13.60 0.28
CA TYR B 110 30.30 13.90 0.44
C TYR B 110 29.60 13.27 -0.76
N VAL B 111 28.29 13.00 -0.64
CA VAL B 111 27.61 12.63 -1.84
C VAL B 111 26.80 13.89 -2.18
N ASP B 112 26.46 14.13 -3.45
CA ASP B 112 25.61 15.33 -3.70
C ASP B 112 24.16 15.06 -3.35
N LEU B 113 23.80 13.79 -3.31
CA LEU B 113 22.45 13.34 -3.06
C LEU B 113 22.37 12.05 -2.36
N TYR B 114 21.60 12.00 -1.25
CA TYR B 114 21.41 10.70 -0.60
C TYR B 114 19.92 10.35 -0.58
N LEU B 115 19.56 9.16 -1.05
CA LEU B 115 18.18 8.79 -1.10
C LEU B 115 17.85 7.64 -0.16
N ILE B 116 16.64 7.69 0.36
CA ILE B 116 15.93 6.45 0.85
C ILE B 116 15.58 5.58 -0.37
N HIS B 117 16.25 4.42 -0.49
CA HIS B 117 16.16 3.60 -1.68
C HIS B 117 14.74 3.12 -1.94
N SER B 118 14.09 2.73 -0.87
CA SER B 118 12.72 2.20 -0.98
C SER B 118 11.96 2.41 0.33
N PRO B 119 10.64 2.63 0.26
CA PRO B 119 9.98 2.72 1.57
C PRO B 119 9.78 1.36 2.32
N MET B 120 9.98 0.25 1.64
CA MET B 120 9.95 -1.09 2.27
C MET B 120 11.10 -1.20 3.27
N SER B 121 10.81 -1.66 4.47
CA SER B 121 11.79 -1.74 5.52
C SER B 121 12.15 -3.24 5.76
N LEU B 122 13.43 -3.58 5.93
CA LEU B 122 13.80 -4.99 6.08
C LEU B 122 14.51 -5.12 7.41
N LYS B 123 14.42 -6.30 8.02
CA LYS B 123 15.23 -6.59 9.22
C LYS B 123 16.65 -5.92 9.25
N PRO B 124 17.10 -5.28 10.38
CA PRO B 124 18.55 -4.85 10.30
C PRO B 124 19.61 -5.99 10.27
N GLY B 125 20.82 -5.68 9.79
CA GLY B 125 21.84 -6.71 9.57
C GLY B 125 22.65 -6.55 8.28
N LEU B 128 21.57 -8.06 3.10
CA LEU B 128 20.87 -7.10 2.26
C LEU B 128 19.47 -7.58 1.97
N SER B 129 19.30 -8.90 1.98
CA SER B 129 18.03 -9.49 1.74
C SER B 129 17.81 -10.51 2.82
N PRO B 130 17.52 -10.05 4.04
CA PRO B 130 17.54 -10.94 5.21
C PRO B 130 16.33 -11.91 5.15
N THR B 131 16.58 -13.15 5.59
CA THR B 131 15.62 -14.26 5.49
C THR B 131 15.50 -15.02 6.79
N ASP B 132 14.35 -15.67 6.96
CA ASP B 132 14.13 -16.46 8.15
C ASP B 132 14.57 -17.90 7.91
N GLU B 133 14.34 -18.74 8.92
CA GLU B 133 14.70 -20.18 8.85
C GLU B 133 14.12 -20.95 7.65
N ASN B 134 13.04 -20.44 7.05
CA ASN B 134 12.45 -21.02 5.84
C ASN B 134 12.76 -20.25 4.54
N GLY B 135 13.71 -19.33 4.57
CA GLY B 135 14.01 -18.61 3.34
C GLY B 135 13.09 -17.45 3.03
N LYS B 136 12.11 -17.15 3.88
CA LYS B 136 11.19 -16.01 3.62
C LYS B 136 11.73 -14.65 4.12
N VAL B 137 11.49 -13.61 3.33
CA VAL B 137 11.96 -12.24 3.68
C VAL B 137 11.42 -11.82 5.07
N ILE B 138 12.28 -11.25 5.90
CA ILE B 138 11.88 -10.57 7.12
C ILE B 138 11.80 -9.04 6.93
N PHE B 139 10.59 -8.49 7.06
CA PHE B 139 10.41 -7.03 7.07
C PHE B 139 10.63 -6.45 8.45
N ASP B 140 10.78 -5.14 8.54
CA ASP B 140 11.02 -4.44 9.78
C ASP B 140 9.96 -3.34 9.75
N ILE B 141 9.53 -2.91 10.95
CA ILE B 141 8.56 -1.80 11.05
C ILE B 141 9.26 -0.53 11.62
N VAL B 142 9.54 0.48 10.77
CA VAL B 142 10.28 1.67 11.22
C VAL B 142 9.46 2.84 10.68
N ASP B 143 9.12 3.77 11.55
CA ASP B 143 8.46 4.98 11.14
C ASP B 143 9.44 5.76 10.23
N LEU B 144 9.12 5.94 8.95
CA LEU B 144 10.10 6.57 8.03
C LEU B 144 10.26 8.08 8.31
N CYS B 145 9.31 8.71 8.98
CA CYS B 145 9.54 10.02 9.57
C CYS B 145 10.89 10.11 10.36
N THR B 146 11.17 9.07 11.17
CA THR B 146 12.44 9.00 11.97
C THR B 146 13.66 8.73 11.08
N THR B 147 13.57 7.82 10.14
CA THR B 147 14.57 7.68 9.10
C THR B 147 14.82 9.06 8.43
N TRP B 148 13.75 9.77 8.09
CA TRP B 148 13.94 11.12 7.47
C TRP B 148 14.71 12.12 8.36
N GLU B 149 14.45 12.07 9.66
CA GLU B 149 15.15 12.99 10.53
C GLU B 149 16.63 12.68 10.57
N ALA B 150 17.01 11.41 10.43
CA ALA B 150 18.42 11.05 10.45
C ALA B 150 19.03 11.48 9.12
N MET B 151 18.20 11.57 8.05
CA MET B 151 18.71 11.95 6.74
C MET B 151 19.03 13.45 6.78
N GLU B 152 18.15 14.20 7.44
CA GLU B 152 18.28 15.70 7.63
C GLU B 152 19.55 16.03 8.42
N LYS B 153 19.84 15.22 9.45
CA LYS B 153 21.19 15.36 10.11
C LYS B 153 22.41 15.12 9.20
N CYS B 154 22.35 14.14 8.30
CA CYS B 154 23.40 13.87 7.27
C CYS B 154 23.61 15.09 6.38
N LYS B 155 22.51 15.77 6.01
CA LYS B 155 22.57 17.06 5.22
C LYS B 155 23.23 18.20 6.09
N ASP B 156 22.80 18.32 7.35
CA ASP B 156 23.43 19.26 8.30
C ASP B 156 24.93 18.91 8.59
N ALA B 157 25.26 17.63 8.51
CA ALA B 157 26.65 17.12 8.60
C ALA B 157 27.46 17.47 7.35
N GLY B 158 26.81 17.93 6.27
CA GLY B 158 27.58 18.21 5.04
C GLY B 158 28.04 16.93 4.31
N LEU B 159 27.62 15.77 4.80
CA LEU B 159 27.97 14.50 4.19
C LEU B 159 27.11 14.17 2.94
N ALA B 160 25.87 14.67 2.96
CA ALA B 160 24.98 14.63 1.80
C ALA B 160 24.53 16.09 1.50
N LYS B 161 24.93 16.64 0.36
CA LYS B 161 24.53 17.95 0.02
C LYS B 161 23.01 18.10 -0.03
N SER B 162 22.35 17.10 -0.64
CA SER B 162 20.88 17.15 -0.77
C SER B 162 20.32 15.81 -0.33
N ILE B 163 19.09 15.77 0.14
CA ILE B 163 18.46 14.52 0.46
C ILE B 163 17.16 14.30 -0.27
N GLY B 164 16.81 13.05 -0.54
CA GLY B 164 15.50 12.78 -1.16
C GLY B 164 15.08 11.32 -0.98
N VAL B 165 14.15 10.85 -1.82
CA VAL B 165 13.56 9.48 -1.70
C VAL B 165 13.44 8.80 -3.08
N SER B 166 13.09 7.49 -3.08
CA SER B 166 12.94 6.82 -4.32
C SER B 166 11.83 5.80 -4.05
N ASN B 167 11.08 5.50 -5.08
CA ASN B 167 9.94 4.51 -4.98
C ASN B 167 8.83 4.90 -4.02
N PHE B 168 8.65 6.22 -3.83
CA PHE B 168 7.56 6.70 -2.90
C PHE B 168 6.34 7.01 -3.76
N ASN B 169 5.15 6.68 -3.28
CA ASN B 169 3.88 7.19 -3.88
C ASN B 169 3.47 8.52 -3.23
N ARG B 170 2.41 9.16 -3.75
CA ARG B 170 2.02 10.47 -3.23
C ARG B 170 1.78 10.50 -1.69
N ARG B 171 1.10 9.53 -1.17
CA ARG B 171 0.77 9.50 0.29
C ARG B 171 2.06 9.41 1.14
N GLN B 172 3.00 8.59 0.69
CA GLN B 172 4.27 8.42 1.44
C GLN B 172 5.13 9.72 1.38
N LEU B 173 5.13 10.45 0.25
CA LEU B 173 5.74 11.80 0.19
C LEU B 173 4.97 12.77 1.14
N GLU B 174 3.63 12.75 1.10
CA GLU B 174 2.87 13.51 2.07
C GLU B 174 3.21 13.27 3.51
N MET B 175 3.45 12.04 3.89
CA MET B 175 3.85 11.81 5.28
C MET B 175 5.09 12.61 5.67
N ILE B 176 6.10 12.66 4.80
CA ILE B 176 7.32 13.47 5.05
C ILE B 176 7.05 15.00 5.02
N LEU B 177 6.33 15.47 4.00
CA LEU B 177 6.06 16.88 3.85
C LEU B 177 5.26 17.42 5.01
N ASN B 178 4.41 16.57 5.59
CA ASN B 178 3.53 17.01 6.69
C ASN B 178 4.14 16.70 8.06
N LYS B 179 5.34 16.16 8.09
CA LYS B 179 5.91 15.73 9.40
C LYS B 179 6.10 17.00 10.31
N PRO B 180 5.61 16.96 11.58
CA PRO B 180 5.90 18.02 12.54
C PRO B 180 7.40 18.27 12.68
N GLY B 181 7.78 19.54 12.58
CA GLY B 181 9.18 19.91 12.76
C GLY B 181 10.04 19.59 11.53
N LEU B 182 9.40 19.29 10.41
CA LEU B 182 10.18 19.11 9.17
C LEU B 182 11.24 20.22 8.96
N LYS B 183 12.49 19.80 8.79
CA LYS B 183 13.56 20.77 8.38
C LYS B 183 13.80 20.89 6.84
N TYR B 184 13.91 19.75 6.16
CA TYR B 184 14.24 19.73 4.70
C TYR B 184 13.24 18.86 3.96
N LYS B 185 12.58 19.42 2.95
CA LYS B 185 11.81 18.61 1.99
C LYS B 185 12.77 17.63 1.27
N PRO B 186 12.26 16.43 0.85
CA PRO B 186 13.02 15.69 -0.16
C PRO B 186 13.15 16.56 -1.38
N VAL B 187 14.33 16.57 -1.97
CA VAL B 187 14.47 17.35 -3.22
C VAL B 187 13.91 16.57 -4.43
N CYS B 188 13.68 15.23 -4.33
CA CYS B 188 13.36 14.44 -5.51
C CYS B 188 12.71 13.14 -5.08
N ASN B 189 12.04 12.52 -6.03
CA ASN B 189 11.49 11.18 -5.94
C ASN B 189 11.95 10.42 -7.18
N GLN B 190 12.81 9.42 -6.96
CA GLN B 190 13.34 8.74 -8.09
C GLN B 190 12.49 7.44 -8.30
N VAL B 191 11.76 7.38 -9.41
CA VAL B 191 10.78 6.30 -9.65
C VAL B 191 10.88 5.78 -11.09
N GLU B 192 10.24 4.63 -11.35
CA GLU B 192 10.11 4.08 -12.71
C GLU B 192 9.26 5.04 -13.56
N CYS B 193 9.77 5.50 -14.70
CA CYS B 193 9.02 6.46 -15.47
C CYS B 193 9.45 6.38 -16.96
N HIS B 194 8.52 6.17 -17.87
CA HIS B 194 8.85 5.95 -19.30
C HIS B 194 7.56 6.10 -20.07
N PRO B 195 7.62 6.14 -21.41
CA PRO B 195 6.33 6.47 -22.06
C PRO B 195 5.22 5.40 -21.90
N TYR B 196 5.57 4.17 -21.54
CA TYR B 196 4.52 3.18 -21.29
C TYR B 196 3.91 3.22 -19.86
N PHE B 197 4.50 4.06 -18.97
CA PHE B 197 4.15 4.19 -17.52
C PHE B 197 4.74 5.58 -17.17
N ASN B 198 4.06 6.66 -17.57
CA ASN B 198 4.70 8.03 -17.57
C ASN B 198 4.47 8.82 -16.25
N ARG B 199 3.70 8.24 -15.32
CA ARG B 199 3.51 8.85 -13.99
C ARG B 199 2.93 10.30 -13.99
N SER B 200 2.09 10.69 -14.95
CA SER B 200 1.64 12.10 -14.99
C SER B 200 1.05 12.56 -13.65
N LYS B 201 0.36 11.67 -12.94
CA LYS B 201 -0.29 12.11 -11.64
C LYS B 201 0.73 12.39 -10.53
N LEU B 202 1.67 11.48 -10.40
CA LEU B 202 2.74 11.68 -9.44
C LEU B 202 3.57 12.91 -9.85
N LEU B 203 3.77 13.08 -11.18
CA LEU B 203 4.63 14.21 -11.68
C LEU B 203 3.93 15.53 -11.31
N ASP B 204 2.62 15.61 -11.55
CA ASP B 204 1.87 16.82 -11.18
C ASP B 204 1.92 17.04 -9.68
N PHE B 205 1.86 15.96 -8.91
CA PHE B 205 1.95 16.15 -7.47
C PHE B 205 3.34 16.68 -7.11
N CYS B 206 4.40 15.99 -7.60
CA CYS B 206 5.75 16.45 -7.37
C CYS B 206 6.00 17.90 -7.81
N LYS B 207 5.64 18.29 -9.02
CA LYS B 207 5.81 19.72 -9.33
C LYS B 207 5.07 20.66 -8.37
N SER B 208 3.89 20.29 -7.88
CA SER B 208 3.16 21.22 -6.99
C SER B 208 3.88 21.45 -5.66
N LYS B 209 4.82 20.57 -5.33
CA LYS B 209 5.57 20.71 -4.10
C LYS B 209 7.00 21.10 -4.36
N ASP B 210 7.37 21.42 -5.60
CA ASP B 210 8.79 21.66 -5.97
C ASP B 210 9.72 20.42 -5.62
N ILE B 211 9.22 19.21 -5.88
CA ILE B 211 10.04 17.98 -5.79
C ILE B 211 10.32 17.49 -7.21
N VAL B 212 11.58 17.27 -7.57
CA VAL B 212 11.92 16.75 -8.93
C VAL B 212 11.63 15.25 -9.01
N LEU B 213 10.93 14.83 -10.08
CA LEU B 213 10.77 13.44 -10.37
C LEU B 213 11.95 12.99 -11.23
N VAL B 214 12.65 11.94 -10.80
CA VAL B 214 13.84 11.44 -11.50
C VAL B 214 13.42 10.06 -12.06
N ALA B 215 13.51 9.89 -13.38
CA ALA B 215 13.08 8.69 -14.08
C ALA B 215 14.17 7.64 -14.13
N TYR B 216 13.85 6.46 -13.64
CA TYR B 216 14.63 5.30 -14.02
C TYR B 216 13.83 4.29 -14.89
N SER B 217 14.51 3.33 -15.52
CA SER B 217 13.92 2.52 -16.59
C SER B 217 13.32 3.37 -17.71
N ALA B 218 13.87 4.58 -17.90
CA ALA B 218 13.45 5.55 -18.94
C ALA B 218 13.62 5.03 -20.32
N LEU B 219 14.59 4.14 -20.49
CA LEU B 219 14.79 3.42 -21.77
C LEU B 219 14.10 2.05 -21.87
N GLY B 220 13.24 1.73 -20.91
CA GLY B 220 12.52 0.47 -20.99
C GLY B 220 13.10 -0.62 -20.08
N SER B 221 14.17 -0.29 -19.34
CA SER B 221 14.82 -1.18 -18.36
C SER B 221 15.73 -2.15 -19.06
N GLN B 222 16.49 -2.92 -18.28
CA GLN B 222 17.45 -3.88 -18.84
C GLN B 222 16.82 -5.22 -19.13
N ARG B 223 15.55 -5.41 -18.76
CA ARG B 223 14.76 -6.57 -19.17
C ARG B 223 15.48 -7.87 -18.75
N ASP B 224 16.18 -7.81 -17.61
CA ASP B 224 16.75 -9.00 -17.03
C ASP B 224 15.64 -9.98 -16.56
N LYS B 225 15.71 -11.24 -16.97
CA LYS B 225 14.68 -12.27 -16.70
C LYS B 225 14.24 -12.41 -15.22
N ARG B 226 15.10 -12.12 -14.26
CA ARG B 226 14.64 -12.14 -12.87
C ARG B 226 13.65 -11.00 -12.61
N TRP B 227 14.14 -9.76 -12.72
CA TRP B 227 13.36 -8.56 -12.38
C TRP B 227 12.28 -8.11 -13.41
N VAL B 228 12.43 -8.50 -14.68
CA VAL B 228 11.53 -8.03 -15.79
C VAL B 228 10.88 -9.22 -16.55
N ASP B 229 9.59 -9.11 -16.79
CA ASP B 229 8.82 -10.05 -17.59
C ASP B 229 9.22 -10.05 -19.10
N PRO B 230 9.56 -11.24 -19.66
CA PRO B 230 9.84 -11.47 -21.10
C PRO B 230 8.74 -11.07 -22.12
N ASN B 231 7.46 -11.24 -21.78
CA ASN B 231 6.38 -10.92 -22.74
C ASN B 231 6.00 -9.45 -22.79
N SER B 232 6.62 -8.63 -21.93
CA SER B 232 6.41 -7.18 -21.99
C SER B 232 6.94 -6.67 -23.32
N PRO B 233 6.18 -5.78 -23.97
CA PRO B 233 6.64 -5.05 -25.17
C PRO B 233 7.94 -4.29 -24.87
N VAL B 234 8.82 -4.22 -25.87
CA VAL B 234 10.11 -3.58 -25.79
C VAL B 234 9.85 -2.13 -26.13
N LEU B 235 10.14 -1.28 -25.16
CA LEU B 235 9.84 0.13 -25.25
C LEU B 235 10.38 0.78 -26.51
N LEU B 236 11.65 0.57 -26.77
CA LEU B 236 12.30 1.27 -27.89
C LEU B 236 11.89 0.71 -29.28
N GLU B 237 11.07 -0.36 -29.34
CA GLU B 237 10.51 -0.84 -30.60
C GLU B 237 9.15 -0.19 -30.90
N ASP B 238 8.70 0.70 -30.04
CA ASP B 238 7.40 1.32 -30.25
C ASP B 238 7.32 2.19 -31.51
N PRO B 239 6.25 2.03 -32.36
CA PRO B 239 6.08 2.76 -33.62
C PRO B 239 6.09 4.26 -33.54
N VAL B 240 5.54 4.82 -32.47
CA VAL B 240 5.58 6.27 -32.25
C VAL B 240 7.01 6.75 -31.95
N LEU B 241 7.69 6.07 -31.03
CA LEU B 241 9.09 6.43 -30.74
C LEU B 241 9.90 6.24 -31.99
N CYS B 242 9.78 5.09 -32.63
CA CYS B 242 10.46 4.90 -33.97
C CYS B 242 10.11 5.95 -35.05
N ALA B 243 8.84 6.39 -35.15
CA ALA B 243 8.45 7.36 -36.20
C ALA B 243 9.08 8.73 -35.88
N LEU B 244 9.19 9.01 -34.57
CA LEU B 244 9.75 10.25 -34.10
C LEU B 244 11.24 10.31 -34.26
N ALA B 245 11.92 9.19 -34.01
CA ALA B 245 13.37 9.04 -34.23
C ALA B 245 13.76 9.26 -35.74
N LYS B 246 13.04 8.56 -36.63
CA LYS B 246 13.18 8.80 -38.10
C LYS B 246 13.04 10.24 -38.50
N LYS B 247 11.91 10.84 -38.09
CA LYS B 247 11.62 12.25 -38.31
C LYS B 247 12.66 13.30 -37.81
N HIS B 248 13.23 13.15 -36.60
CA HIS B 248 14.25 14.10 -36.07
C HIS B 248 15.69 13.61 -36.35
N LYS B 249 15.81 12.50 -37.07
CA LYS B 249 17.10 11.86 -37.40
C LYS B 249 17.84 11.49 -36.14
N ARG B 250 17.11 10.84 -35.24
CA ARG B 250 17.68 10.48 -33.96
C ARG B 250 17.49 9.02 -33.77
N THR B 251 17.55 8.55 -32.53
CA THR B 251 17.21 7.21 -32.25
C THR B 251 16.04 7.17 -31.24
N PRO B 252 15.38 6.02 -31.09
CA PRO B 252 14.17 5.95 -30.22
C PRO B 252 14.57 6.15 -28.74
N ALA B 253 15.81 5.77 -28.38
CA ALA B 253 16.33 6.04 -27.02
C ALA B 253 16.40 7.54 -26.82
N LEU B 254 17.02 8.26 -27.79
CA LEU B 254 17.07 9.69 -27.69
C LEU B 254 15.66 10.35 -27.62
N ILE B 255 14.61 9.76 -28.23
CA ILE B 255 13.27 10.39 -28.21
C ILE B 255 12.74 10.19 -26.72
N ALA B 256 12.90 8.96 -26.22
CA ALA B 256 12.52 8.60 -24.82
C ALA B 256 13.17 9.48 -23.79
N LEU B 257 14.47 9.79 -23.93
CA LEU B 257 15.14 10.70 -22.98
C LEU B 257 14.63 12.10 -23.18
N ARG B 258 14.47 12.54 -24.45
CA ARG B 258 14.14 13.95 -24.72
C ARG B 258 12.74 14.24 -24.24
N TYR B 259 11.86 13.27 -24.34
CA TYR B 259 10.48 13.36 -23.75
C TYR B 259 10.49 13.81 -22.24
N GLN B 260 11.32 13.13 -21.45
CA GLN B 260 11.47 13.37 -20.01
C GLN B 260 11.95 14.76 -19.76
N LEU B 261 12.98 15.17 -20.49
CA LEU B 261 13.51 16.56 -20.26
C LEU B 261 12.45 17.61 -20.57
N GLN B 262 11.65 17.40 -21.58
CA GLN B 262 10.70 18.51 -21.91
C GLN B 262 9.45 18.53 -21.02
N ARG B 263 9.21 17.51 -20.21
CA ARG B 263 8.05 17.54 -19.34
C ARG B 263 8.56 17.89 -17.91
N GLY B 264 9.83 18.30 -17.80
CA GLY B 264 10.42 18.66 -16.47
C GLY B 264 11.01 17.53 -15.63
N VAL B 265 11.21 16.33 -16.21
CA VAL B 265 11.65 15.14 -15.45
C VAL B 265 13.18 15.04 -15.58
N VAL B 266 13.90 14.76 -14.49
CA VAL B 266 15.31 14.52 -14.62
C VAL B 266 15.45 13.07 -15.01
N VAL B 267 16.29 12.77 -16.03
CA VAL B 267 16.27 11.45 -16.56
C VAL B 267 17.59 10.70 -16.43
N LEU B 268 17.47 9.42 -16.02
CA LEU B 268 18.64 8.49 -15.94
C LEU B 268 18.75 7.72 -17.22
N ALA B 269 20.00 7.30 -17.58
CA ALA B 269 20.24 6.32 -18.66
C ALA B 269 21.39 5.42 -18.28
N LYS B 270 21.14 4.13 -18.29
CA LYS B 270 22.24 3.19 -18.08
C LYS B 270 22.74 2.77 -19.47
N SER B 271 24.02 2.90 -19.73
CA SER B 271 24.61 2.13 -20.87
C SER B 271 25.97 1.62 -20.45
N TYR B 272 26.27 0.38 -20.81
CA TYR B 272 27.62 -0.16 -20.54
C TYR B 272 28.35 -0.32 -21.88
N ASN B 273 27.88 0.41 -22.92
CA ASN B 273 28.38 0.32 -24.31
C ASN B 273 28.87 1.71 -24.67
N GLU B 274 30.14 1.80 -25.08
CA GLU B 274 30.70 3.06 -25.49
C GLU B 274 29.91 3.92 -26.53
N GLN B 275 29.42 3.33 -27.63
CA GLN B 275 28.79 4.15 -28.65
C GLN B 275 27.44 4.69 -28.12
N ARG B 276 26.74 3.85 -27.37
CA ARG B 276 25.44 4.23 -26.79
C ARG B 276 25.60 5.25 -25.66
N ILE B 277 26.63 5.11 -24.82
CA ILE B 277 26.94 6.16 -23.89
C ILE B 277 27.06 7.53 -24.63
N ARG B 278 27.96 7.62 -25.62
CA ARG B 278 28.19 8.88 -26.31
C ARG B 278 26.93 9.32 -27.00
N GLN B 279 26.16 8.38 -27.53
CA GLN B 279 24.92 8.74 -28.20
C GLN B 279 23.97 9.45 -27.26
N ASN B 280 23.95 9.03 -25.99
CA ASN B 280 22.90 9.49 -25.05
C ASN B 280 22.96 11.01 -24.73
N VAL B 281 24.15 11.54 -24.78
CA VAL B 281 24.35 12.90 -24.43
C VAL B 281 23.90 13.74 -25.58
N GLN B 282 23.52 13.08 -26.67
CA GLN B 282 22.99 13.82 -27.82
C GLN B 282 21.56 14.30 -27.54
N VAL B 283 20.93 13.91 -26.41
CA VAL B 283 19.63 14.50 -25.98
C VAL B 283 19.51 16.04 -25.94
N PHE B 284 20.63 16.72 -25.71
CA PHE B 284 20.63 18.17 -25.62
C PHE B 284 20.76 18.86 -27.01
N GLU B 285 20.72 18.09 -28.11
CA GLU B 285 21.02 18.69 -29.40
C GLU B 285 19.78 18.87 -30.29
N PHE B 286 18.60 18.46 -29.85
CA PHE B 286 17.37 18.57 -30.66
C PHE B 286 16.19 18.79 -29.75
N GLN B 287 15.06 19.23 -30.32
CA GLN B 287 13.81 19.37 -29.60
C GLN B 287 12.64 18.56 -30.14
N LEU B 288 11.70 18.22 -29.27
CA LEU B 288 10.49 17.55 -29.72
C LEU B 288 9.39 18.60 -29.80
N THR B 289 8.49 18.51 -30.79
CA THR B 289 7.46 19.58 -30.87
C THR B 289 6.34 19.35 -29.85
N ALA B 290 5.47 20.32 -29.62
CA ALA B 290 4.28 20.02 -28.76
C ALA B 290 3.46 18.81 -29.26
N GLU B 291 3.45 18.62 -30.58
CA GLU B 291 2.72 17.52 -31.19
C GLU B 291 3.41 16.13 -31.02
N ASP B 292 4.75 16.14 -31.07
CA ASP B 292 5.56 14.94 -30.83
C ASP B 292 5.26 14.54 -29.32
N MET B 293 5.27 15.54 -28.44
CA MET B 293 5.00 15.34 -26.97
C MET B 293 3.62 14.72 -26.68
N LYS B 294 2.58 15.31 -27.28
CA LYS B 294 1.25 14.64 -27.29
C LYS B 294 1.22 13.18 -27.77
N ALA B 295 1.95 12.87 -28.84
CA ALA B 295 1.98 11.50 -29.37
C ALA B 295 2.66 10.57 -28.35
N ILE B 296 3.76 11.01 -27.76
CA ILE B 296 4.41 10.15 -26.77
C ILE B 296 3.52 10.01 -25.49
N ASP B 297 2.83 11.09 -25.10
CA ASP B 297 1.86 11.00 -23.96
C ASP B 297 0.84 9.90 -24.16
N GLY B 298 0.41 9.69 -25.40
CA GLY B 298 -0.64 8.72 -25.71
C GLY B 298 -0.16 7.30 -25.60
N LEU B 299 1.13 7.10 -25.33
CA LEU B 299 1.65 5.73 -25.21
C LEU B 299 1.36 5.17 -23.83
N ASP B 300 1.03 6.05 -22.87
CA ASP B 300 0.88 5.64 -21.44
C ASP B 300 -0.09 4.47 -21.32
N ARG B 301 0.36 3.33 -20.75
CA ARG B 301 -0.50 2.15 -20.65
C ARG B 301 -0.24 1.42 -19.32
N ASN B 302 0.28 2.11 -18.30
CA ASN B 302 0.47 1.50 -16.97
C ASN B 302 1.28 0.17 -16.98
N LEU B 303 2.29 0.09 -17.87
CA LEU B 303 3.20 -1.04 -17.92
C LEU B 303 4.43 -0.88 -16.99
N HIS B 304 4.46 -1.66 -15.93
CA HIS B 304 5.53 -1.68 -14.94
C HIS B 304 6.58 -2.68 -15.45
N TYR B 305 7.80 -2.22 -15.78
CA TYR B 305 8.91 -3.17 -16.03
C TYR B 305 9.53 -3.68 -14.78
N PHE B 306 9.86 -2.79 -13.85
CA PHE B 306 10.52 -3.22 -12.63
C PHE B 306 9.58 -3.87 -11.60
N ASN B 307 9.99 -5.04 -11.07
CA ASN B 307 9.17 -5.88 -10.18
C ASN B 307 9.53 -5.98 -8.66
N SER B 308 10.43 -6.91 -8.31
CA SER B 308 10.60 -7.48 -6.92
C SER B 308 9.44 -7.29 -5.97
PA NAP C . -17.13 -13.93 2.50
O1A NAP C . -18.59 -14.33 2.29
O2A NAP C . -16.67 -12.48 2.49
O5B NAP C . -16.13 -14.70 1.48
C5B NAP C . -16.43 -16.04 0.98
C4B NAP C . -15.39 -16.42 -0.07
O4B NAP C . -15.49 -15.59 -1.23
C3B NAP C . -14.00 -16.18 0.41
O3B NAP C . -13.61 -17.36 1.04
C2B NAP C . -13.19 -15.86 -0.84
O2B NAP C . -12.24 -16.92 -1.04
C1B NAP C . -14.24 -15.74 -1.93
N9A NAP C . -14.13 -14.57 -2.79
C8A NAP C . -13.84 -13.28 -2.40
N7A NAP C . -13.86 -12.46 -3.44
C5A NAP C . -14.16 -13.23 -4.55
C6A NAP C . -14.29 -12.93 -5.92
N6A NAP C . -14.11 -11.63 -6.43
N1A NAP C . -14.61 -13.93 -6.79
C2A NAP C . -14.74 -15.16 -6.27
N3A NAP C . -14.63 -15.56 -4.98
C4A NAP C . -14.34 -14.53 -4.16
O3 NAP C . -16.57 -14.71 3.78
PN NAP C . -16.80 -14.69 5.36
O1N NAP C . -18.03 -15.54 5.63
O2N NAP C . -15.51 -15.11 5.99
O5D NAP C . -17.27 -13.13 5.65
C5D NAP C . -16.35 -12.02 5.64
C4D NAP C . -15.87 -11.54 6.97
O4D NAP C . -16.96 -11.27 7.83
C3D NAP C . -15.04 -12.53 7.75
O3D NAP C . -13.72 -12.71 7.18
C2D NAP C . -15.14 -11.91 9.11
O2D NAP C . -14.27 -10.75 9.03
C1D NAP C . -16.60 -11.43 9.18
N1N NAP C . -17.57 -12.37 9.83
C2N NAP C . -18.14 -12.00 10.98
C3N NAP C . -19.03 -12.86 11.59
C7N NAP C . -19.68 -12.46 12.85
O7N NAP C . -20.16 -13.30 13.58
N7N NAP C . -19.65 -11.12 13.14
C4N NAP C . -19.31 -14.08 11.04
C5N NAP C . -18.72 -14.45 9.85
C6N NAP C . -17.84 -13.56 9.26
P2B NAP C . -10.66 -16.48 -1.30
O1X NAP C . -10.19 -16.24 0.11
O2X NAP C . -10.09 -17.78 -1.79
O3X NAP C . -10.66 -15.36 -2.29
C14 WDW D . -21.55 -16.88 17.18
C10 WDW D . -21.08 -16.00 16.22
C12 WDW D . -19.74 -18.43 16.82
C11 WDW D . -18.10 -17.61 14.98
C8 WDW D . -19.24 -17.58 15.85
C15 WDW D . -20.90 -18.05 17.46
C7 WDW D . -19.93 -16.40 15.58
C13 WDW D . -18.13 -16.47 14.19
C4 WDW D . -16.93 -17.49 9.55
C5 WDW D . -17.38 -18.24 10.57
C16 WDW D . -17.27 -15.91 13.19
C3 WDW D . -15.93 -16.38 9.75
C6 WDW D . -16.95 -18.07 11.99
C2 WDW D . -15.81 -15.95 11.23
C17 WDW D . -21.49 -18.94 18.51
N9 WDW D . -19.23 -15.77 14.59
N1 WDW D . -16.67 -16.66 12.20
O18 WDW D . -17.07 -14.70 13.29
PA NAP E . 17.55 1.96 -18.63
O1A NAP E . 16.05 2.01 -18.85
O2A NAP E . 18.28 3.28 -18.40
O5B NAP E . 18.36 1.31 -19.87
C5B NAP E . 18.09 -0.02 -20.23
C4B NAP E . 18.92 -0.40 -21.43
O4B NAP E . 18.98 0.64 -22.40
C3B NAP E . 20.35 -0.56 -20.99
O3B NAP E . 20.44 -1.92 -20.65
C2B NAP E . 21.19 -0.17 -22.21
O2B NAP E . 21.86 -1.29 -22.77
C1B NAP E . 20.13 0.31 -23.16
N9A NAP E . 20.47 1.52 -23.85
C8A NAP E . 21.12 2.60 -23.33
N7A NAP E . 21.26 3.56 -24.25
C5A NAP E . 20.74 3.04 -25.40
C6A NAP E . 20.64 3.57 -26.67
N6A NAP E . 21.13 4.85 -26.98
N1A NAP E . 20.07 2.79 -27.58
C2A NAP E . 19.63 1.57 -27.24
N3A NAP E . 19.66 0.97 -26.05
C4A NAP E . 20.23 1.78 -25.17
O3 NAP E . 17.91 0.95 -17.45
PN NAP E . 17.81 0.77 -15.85
O1N NAP E . 16.53 0.03 -15.59
O2N NAP E . 19.08 0.12 -15.35
O5D NAP E . 17.73 2.31 -15.24
C5D NAP E . 18.91 3.13 -15.28
C4D NAP E . 19.35 3.50 -13.86
O4D NAP E . 18.29 3.74 -12.99
C3D NAP E . 19.96 2.28 -13.17
O3D NAP E . 21.21 1.90 -13.71
C2D NAP E . 20.04 2.73 -11.73
O2D NAP E . 21.12 3.67 -11.72
C1D NAP E . 18.68 3.43 -11.65
N1N NAP E . 17.61 2.57 -11.06
C2N NAP E . 17.18 2.91 -9.83
C3N NAP E . 16.17 2.13 -9.30
C7N NAP E . 15.64 2.47 -7.97
O7N NAP E . 15.01 1.64 -7.34
N7N NAP E . 15.85 3.74 -7.54
C4N NAP E . 15.65 1.05 -9.98
C5N NAP E . 16.11 0.73 -11.24
C6N NAP E . 17.10 1.55 -11.76
P2B NAP E . 23.49 -1.29 -22.99
O1X NAP E . 24.09 -1.26 -21.60
O2X NAP E . 23.70 -2.57 -23.73
O3X NAP E . 23.77 -0.08 -23.83
C14 WDW F . 12.98 -2.49 -4.09
C10 WDW F . 13.43 -1.44 -4.87
C12 WDW F . 14.77 -3.96 -4.81
C11 WDW F . 16.35 -2.82 -6.49
C8 WDW F . 15.24 -2.93 -5.60
C15 WDW F . 13.63 -3.72 -4.06
C7 WDW F . 14.58 -1.70 -5.62
C13 WDW F . 16.38 -1.55 -7.05
C4 WDW F . 17.69 -2.95 -11.46
C5 WDW F . 18.16 -1.69 -11.37
C16 WDW F . 17.34 -0.97 -7.98
C3 WDW F . 17.54 -3.87 -10.29
C6 WDW F . 18.54 -1.10 -10.06
C2 WDW F . 17.80 -3.18 -8.97
C17 WDW F . 13.14 -4.85 -3.20
N9 WDW F . 15.29 -0.90 -6.51
N1 WDW F . 17.70 -1.73 -9.05
O18 WDW F . 17.85 0.14 -7.83
#